data_2BSL
#
_entry.id   2BSL
#
_cell.length_a   53.588
_cell.length_b   108.160
_cell.length_c   66.222
_cell.angle_alpha   90.00
_cell.angle_beta   104.06
_cell.angle_gamma   90.00
#
_symmetry.space_group_name_H-M   'P 1 21 1'
#
loop_
_entity.id
_entity.type
_entity.pdbx_description
1 polymer 'DIHYDROOROTATE DEHYDROGENASE A'
2 non-polymer 'FLAVIN MONONUCLEOTIDE'
3 non-polymer 'ACETATE ION'
4 non-polymer 'MAGNESIUM ION'
5 non-polymer GLYCEROL
6 non-polymer '3,4-DIHYDROXYBENZOIC ACID'
7 water water
#
_entity_poly.entity_id   1
_entity_poly.type   'polypeptide(L)'
_entity_poly.pdbx_seq_one_letter_code
;MLNTTFANAKFANPFMNASGVHCMTIEDLEELKASQAGAYITKSSTLEKREGNPLPRYVDLELGSINSMGLPNLGFDYYL
DYVLKNQKENAQEGPIFFSIAGMSAAENIAMLKKIQESDFSGITELNLSCPNVPGKPQLAYDFEATEKLLKEVFTFFTKP
LGVKLPPYFDLVHFDIMAEILNQFPLTYVNSVNSIGNGLFIDPEAESVVIKPKDGFGGIGGAYIKPTALANVRAFYTRLK
PEIQIIGTGGIETGQDAFEHLLCGATMLQIGTALHKEGPAIFDRIIKELEEIMNQKGYQSIADFHGKLKSL
;
_entity_poly.pdbx_strand_id   A,B
#
loop_
_chem_comp.id
_chem_comp.type
_chem_comp.name
_chem_comp.formula
ACT non-polymer 'ACETATE ION' 'C2 H3 O2 -1'
DHB non-polymer '3,4-DIHYDROXYBENZOIC ACID' 'C7 H6 O4'
FMN non-polymer 'FLAVIN MONONUCLEOTIDE' 'C17 H21 N4 O9 P'
GOL non-polymer GLYCEROL 'C3 H8 O3'
MG non-polymer 'MAGNESIUM ION' 'Mg 2'
#
# COMPACT_ATOMS: atom_id res chain seq x y z
N MET A 1 -6.33 -25.95 -21.69
CA MET A 1 -6.05 -25.83 -20.22
C MET A 1 -6.57 -24.55 -19.55
N LEU A 2 -6.48 -23.37 -20.20
CA LEU A 2 -6.79 -22.10 -19.53
C LEU A 2 -8.18 -21.54 -19.85
N ASN A 3 -8.94 -22.35 -20.58
CA ASN A 3 -10.27 -21.97 -21.02
C ASN A 3 -11.08 -21.53 -19.81
N THR A 4 -11.70 -20.38 -19.96
CA THR A 4 -12.28 -19.68 -18.87
C THR A 4 -13.61 -19.14 -19.29
N THR A 5 -14.52 -19.14 -18.32
CA THR A 5 -15.87 -18.60 -18.45
C THR A 5 -16.02 -17.42 -17.52
N PHE A 6 -16.38 -16.28 -18.08
CA PHE A 6 -16.46 -15.06 -17.30
C PHE A 6 -17.49 -14.14 -17.87
N ALA A 7 -18.28 -13.52 -17.00
CA ALA A 7 -19.52 -12.81 -17.36
C ALA A 7 -20.31 -13.48 -18.50
N ASN A 8 -20.62 -14.75 -18.28
CA ASN A 8 -21.32 -15.61 -19.25
C ASN A 8 -20.75 -15.66 -20.66
N ALA A 9 -19.48 -15.33 -20.80
CA ALA A 9 -18.77 -15.44 -22.07
C ALA A 9 -17.57 -16.39 -21.95
N LYS A 10 -17.00 -16.75 -23.08
CA LYS A 10 -15.95 -17.78 -23.12
C LYS A 10 -14.70 -17.13 -23.65
N PHE A 11 -13.60 -17.29 -22.92
CA PHE A 11 -12.29 -16.82 -23.34
C PHE A 11 -11.33 -18.00 -23.40
N ALA A 12 -10.38 -17.96 -24.31
CA ALA A 12 -9.34 -19.03 -24.42
C ALA A 12 -8.41 -19.11 -23.19
N ASN A 13 -8.26 -18.00 -22.50
CA ASN A 13 -7.38 -17.91 -21.36
C ASN A 13 -7.77 -16.67 -20.55
N PRO A 14 -7.39 -16.61 -19.28
CA PRO A 14 -7.83 -15.50 -18.43
C PRO A 14 -7.03 -14.20 -18.61
N PHE A 15 -5.88 -14.26 -19.26
CA PHE A 15 -5.02 -13.05 -19.36
C PHE A 15 -5.53 -11.88 -20.24
N MET A 16 -5.29 -10.71 -19.74
CA MET A 16 -5.62 -9.50 -20.42
C MET A 16 -4.53 -8.47 -20.11
N ASN A 17 -4.51 -7.41 -20.90
CA ASN A 17 -3.84 -6.18 -20.51
C ASN A 17 -4.64 -5.49 -19.42
N ALA A 18 -3.94 -4.70 -18.61
CA ALA A 18 -4.60 -3.86 -17.66
C ALA A 18 -4.87 -2.56 -18.39
N SER A 19 -5.99 -1.90 -18.08
CA SER A 19 -6.34 -0.66 -18.73
C SER A 19 -5.26 0.38 -18.40
N GLY A 20 -4.93 1.22 -19.41
CA GLY A 20 -3.82 2.17 -19.37
C GLY A 20 -2.56 1.66 -20.09
N VAL A 21 -2.42 0.35 -20.21
CA VAL A 21 -1.22 -0.24 -20.77
C VAL A 21 -1.52 -0.85 -22.16
N HIS A 22 -0.74 -0.45 -23.14
CA HIS A 22 -0.82 -0.91 -24.49
C HIS A 22 -2.22 -0.91 -25.12
N CYS A 23 -2.99 0.16 -24.85
CA CYS A 23 -4.36 0.19 -25.26
C CYS A 23 -4.89 1.61 -25.54
N MET A 24 -3.99 2.54 -25.88
CA MET A 24 -4.37 3.94 -26.03
C MET A 24 -4.97 4.20 -27.46
N THR A 25 -4.38 3.59 -28.48
CA THR A 25 -4.80 3.74 -29.85
C THR A 25 -5.35 2.44 -30.44
N ILE A 26 -6.03 2.65 -31.58
CA ILE A 26 -6.51 1.56 -32.40
C ILE A 26 -5.41 0.59 -32.65
N GLU A 27 -4.27 1.08 -33.04
CA GLU A 27 -3.16 0.18 -33.38
C GLU A 27 -2.64 -0.62 -32.15
N ASP A 28 -2.65 -0.02 -30.96
CA ASP A 28 -2.27 -0.74 -29.75
C ASP A 28 -3.29 -1.89 -29.61
N LEU A 29 -4.57 -1.55 -29.74
CA LEU A 29 -5.61 -2.53 -29.50
C LEU A 29 -5.49 -3.69 -30.44
N GLU A 30 -5.10 -3.47 -31.67
CA GLU A 30 -5.07 -4.52 -32.67
C GLU A 30 -3.89 -5.39 -32.39
N GLU A 31 -2.85 -4.81 -31.78
CA GLU A 31 -1.69 -5.64 -31.39
C GLU A 31 -2.09 -6.64 -30.27
N LEU A 32 -3.04 -6.23 -29.43
CA LEU A 32 -3.58 -7.08 -28.37
C LEU A 32 -4.51 -8.17 -28.93
N LYS A 33 -5.36 -7.80 -29.90
CA LYS A 33 -6.17 -8.75 -30.66
C LYS A 33 -5.23 -9.79 -31.25
N ALA A 34 -4.16 -9.37 -31.90
CA ALA A 34 -3.23 -10.32 -32.50
C ALA A 34 -2.42 -11.17 -31.47
N SER A 35 -2.25 -10.64 -30.25
CA SER A 35 -1.53 -11.38 -29.17
C SER A 35 -2.33 -12.55 -28.67
N GLN A 36 -1.71 -13.36 -27.81
CA GLN A 36 -2.40 -14.49 -27.18
C GLN A 36 -3.30 -14.08 -25.98
N ALA A 37 -3.37 -12.80 -25.68
CA ALA A 37 -4.24 -12.38 -24.61
C ALA A 37 -5.59 -13.02 -24.88
N GLY A 38 -6.17 -13.60 -23.85
CA GLY A 38 -7.50 -14.14 -23.91
C GLY A 38 -8.55 -13.07 -24.08
N ALA A 39 -8.27 -11.85 -23.57
CA ALA A 39 -9.12 -10.69 -23.80
C ALA A 39 -8.34 -9.40 -23.69
N TYR A 40 -9.02 -8.28 -23.90
CA TYR A 40 -8.33 -7.02 -23.76
C TYR A 40 -9.26 -5.94 -23.51
N ILE A 41 -8.72 -4.83 -23.00
CA ILE A 41 -9.53 -3.70 -22.52
C ILE A 41 -8.96 -2.39 -23.04
N THR A 42 -9.82 -1.41 -23.29
CA THR A 42 -9.38 -0.08 -23.74
C THR A 42 -8.80 0.73 -22.58
N LYS A 43 -8.00 1.76 -22.94
CA LYS A 43 -7.65 2.81 -22.03
C LYS A 43 -8.93 3.44 -21.45
N SER A 44 -8.96 3.66 -20.14
CA SER A 44 -10.02 4.43 -19.54
C SER A 44 -10.22 5.71 -20.35
N SER A 45 -11.47 6.08 -20.62
CA SER A 45 -11.73 7.31 -21.34
C SER A 45 -12.56 8.30 -20.57
N THR A 46 -12.45 9.53 -21.01
CA THR A 46 -13.26 10.63 -20.54
C THR A 46 -14.04 11.13 -21.74
N LEU A 47 -14.99 12.02 -21.50
CA LEU A 47 -15.88 12.51 -22.53
C LEU A 47 -15.09 13.11 -23.66
N GLU A 48 -14.14 13.97 -23.28
CA GLU A 48 -13.28 14.67 -24.24
C GLU A 48 -11.84 14.08 -24.30
N LYS A 49 -11.13 14.37 -25.37
CA LYS A 49 -9.72 14.07 -25.50
C LYS A 49 -8.95 14.73 -24.37
N ARG A 50 -7.90 14.06 -23.91
CA ARG A 50 -6.99 14.58 -22.90
C ARG A 50 -5.55 14.26 -23.28
N GLU A 51 -4.74 15.31 -23.22
CA GLU A 51 -3.33 15.21 -23.41
C GLU A 51 -2.67 14.49 -22.19
N GLY A 52 -3.24 14.71 -21.01
CA GLY A 52 -2.70 14.22 -19.75
C GLY A 52 -1.67 15.15 -19.12
N ASN A 53 -0.90 14.60 -18.19
CA ASN A 53 0.10 15.29 -17.40
C ASN A 53 1.43 15.46 -18.16
N PRO A 54 2.20 16.48 -17.75
CA PRO A 54 3.56 16.70 -18.28
C PRO A 54 4.54 15.54 -18.06
N LEU A 55 5.52 15.43 -18.92
CA LEU A 55 6.49 14.36 -18.86
C LEU A 55 7.73 14.86 -18.11
N PRO A 56 8.53 13.96 -17.52
CA PRO A 56 8.30 12.49 -17.52
C PRO A 56 7.19 12.05 -16.56
N ARG A 57 6.39 11.06 -16.97
CA ARG A 57 5.24 10.64 -16.14
C ARG A 57 5.11 9.16 -15.92
N TYR A 58 6.06 8.41 -16.43
CA TYR A 58 6.08 7.00 -16.19
C TYR A 58 7.54 6.69 -16.14
N VAL A 59 7.93 5.79 -15.25
CA VAL A 59 9.32 5.30 -15.18
C VAL A 59 9.34 3.83 -14.74
N ASP A 60 10.15 3.05 -15.43
CA ASP A 60 10.47 1.66 -15.05
C ASP A 60 11.36 1.64 -13.78
N LEU A 61 11.01 0.81 -12.80
CA LEU A 61 11.79 0.61 -11.58
C LEU A 61 12.21 -0.84 -11.46
N GLU A 62 13.24 -1.12 -10.71
CA GLU A 62 13.70 -2.52 -10.50
C GLU A 62 12.56 -3.46 -10.05
N LEU A 63 11.70 -2.94 -9.17
CA LEU A 63 10.62 -3.74 -8.57
C LEU A 63 9.22 -3.26 -9.04
N GLY A 64 9.15 -2.44 -10.10
CA GLY A 64 7.90 -2.27 -10.84
C GLY A 64 7.89 -0.98 -11.64
N SER A 65 7.02 -0.07 -11.25
CA SER A 65 6.89 1.17 -11.99
C SER A 65 6.21 2.22 -11.17
N ILE A 66 6.38 3.45 -11.61
CA ILE A 66 5.70 4.60 -11.03
C ILE A 66 5.22 5.43 -12.20
N ASN A 67 4.01 5.94 -12.11
CA ASN A 67 3.49 6.76 -13.16
C ASN A 67 2.54 7.79 -12.61
N SER A 68 2.45 8.96 -13.25
CA SER A 68 1.27 9.84 -13.11
C SER A 68 0.79 10.33 -14.50
N MET A 69 0.19 9.40 -15.26
CA MET A 69 -0.13 9.67 -16.66
C MET A 69 -1.08 10.84 -16.80
N GLY A 70 -2.10 10.94 -15.95
CA GLY A 70 -3.10 12.02 -15.94
C GLY A 70 -4.31 11.73 -16.82
N LEU A 71 -4.55 10.45 -17.10
CA LEU A 71 -5.67 10.03 -17.93
C LEU A 71 -5.56 10.59 -19.36
N PRO A 72 -4.43 10.40 -20.05
CA PRO A 72 -4.37 10.73 -21.47
C PRO A 72 -5.21 9.69 -22.18
N ASN A 73 -6.08 10.15 -23.08
CA ASN A 73 -6.89 9.25 -23.89
C ASN A 73 -7.42 10.00 -25.11
N LEU A 74 -7.97 9.24 -26.05
CA LEU A 74 -8.39 9.79 -27.33
C LEU A 74 -9.85 10.10 -27.37
N GLY A 75 -10.52 10.04 -26.22
CA GLY A 75 -11.91 10.48 -26.07
C GLY A 75 -12.89 9.31 -26.16
N PHE A 76 -14.05 9.49 -25.54
CA PHE A 76 -15.04 8.43 -25.48
C PHE A 76 -15.47 7.96 -26.86
N ASP A 77 -15.90 8.91 -27.70
CA ASP A 77 -16.45 8.63 -29.02
C ASP A 77 -15.47 7.82 -29.85
N TYR A 78 -14.17 8.06 -29.71
CA TYR A 78 -13.16 7.24 -30.42
C TYR A 78 -13.04 5.77 -29.98
N TYR A 79 -13.14 5.48 -28.68
CA TYR A 79 -13.07 4.11 -28.25
C TYR A 79 -14.41 3.43 -28.60
N LEU A 80 -15.53 4.11 -28.39
CA LEU A 80 -16.83 3.51 -28.69
C LEU A 80 -16.89 3.12 -30.17
N ASP A 81 -16.50 4.02 -31.06
CA ASP A 81 -16.55 3.71 -32.50
C ASP A 81 -15.58 2.51 -32.83
N TYR A 82 -14.40 2.43 -32.21
CA TYR A 82 -13.53 1.24 -32.44
C TYR A 82 -14.23 -0.04 -32.01
N VAL A 83 -14.78 -0.09 -30.80
CA VAL A 83 -15.36 -1.34 -30.31
C VAL A 83 -16.64 -1.73 -31.08
N LEU A 84 -17.40 -0.75 -31.56
CA LEU A 84 -18.58 -1.04 -32.41
C LEU A 84 -18.18 -1.73 -33.71
N LYS A 85 -17.18 -1.19 -34.39
CA LYS A 85 -16.70 -1.75 -35.66
C LYS A 85 -16.07 -3.10 -35.42
N ASN A 86 -15.59 -3.36 -34.21
CA ASN A 86 -14.88 -4.61 -34.00
C ASN A 86 -15.78 -5.80 -33.57
N GLN A 87 -16.96 -5.54 -33.01
CA GLN A 87 -17.87 -6.64 -32.70
C GLN A 87 -18.71 -7.06 -33.94
N LYS A 88 -18.92 -6.14 -34.87
CA LYS A 88 -19.47 -6.44 -36.23
C LYS A 88 -18.59 -7.42 -37.00
N GLU A 89 -17.28 -7.32 -36.82
CA GLU A 89 -16.34 -8.18 -37.55
C GLU A 89 -16.35 -9.66 -37.04
N ASN A 90 -16.77 -9.87 -35.78
CA ASN A 90 -16.69 -11.20 -35.10
C ASN A 90 -15.33 -11.89 -35.36
N ALA A 91 -14.25 -11.14 -35.09
CA ALA A 91 -12.86 -11.54 -35.40
C ALA A 91 -12.05 -12.06 -34.18
N GLN A 92 -12.74 -12.23 -33.05
CA GLN A 92 -12.16 -12.73 -31.78
C GLN A 92 -13.15 -13.54 -30.88
N GLU A 93 -12.60 -14.49 -30.11
CA GLU A 93 -13.34 -15.23 -29.04
C GLU A 93 -13.61 -14.29 -27.83
N GLY A 94 -14.87 -13.97 -27.58
CA GLY A 94 -15.20 -13.16 -26.42
C GLY A 94 -15.03 -11.67 -26.60
N PRO A 95 -15.88 -10.95 -25.89
CA PRO A 95 -16.06 -9.52 -26.12
C PRO A 95 -14.91 -8.65 -25.60
N ILE A 96 -14.91 -7.42 -26.09
CA ILE A 96 -13.92 -6.44 -25.74
C ILE A 96 -14.41 -5.83 -24.43
N PHE A 97 -13.48 -5.33 -23.62
CA PHE A 97 -13.84 -4.57 -22.46
C PHE A 97 -13.55 -3.10 -22.74
N PHE A 98 -14.28 -2.23 -22.05
CA PHE A 98 -14.34 -0.86 -22.36
C PHE A 98 -14.34 -0.09 -21.07
N SER A 99 -13.21 0.54 -20.73
CA SER A 99 -13.06 1.32 -19.51
C SER A 99 -13.42 2.75 -19.66
N ILE A 100 -14.24 3.25 -18.74
CA ILE A 100 -14.45 4.69 -18.58
C ILE A 100 -13.99 5.20 -17.19
N ALA A 101 -13.44 6.41 -17.17
CA ALA A 101 -12.99 7.02 -15.94
C ALA A 101 -13.35 8.46 -15.94
N GLY A 102 -14.64 8.74 -15.83
CA GLY A 102 -15.10 10.11 -15.85
C GLY A 102 -14.56 10.96 -14.72
N MET A 103 -14.21 12.23 -15.02
CA MET A 103 -13.66 13.19 -14.02
C MET A 103 -14.71 13.59 -13.00
N SER A 104 -15.99 13.42 -13.32
CA SER A 104 -17.06 13.59 -12.31
C SER A 104 -18.05 12.43 -12.38
N ALA A 105 -18.99 12.41 -11.43
CA ALA A 105 -20.04 11.40 -11.42
C ALA A 105 -20.83 11.63 -12.68
N ALA A 106 -21.31 12.86 -12.83
CA ALA A 106 -22.11 13.25 -14.00
C ALA A 106 -21.49 12.86 -15.35
N GLU A 107 -20.18 12.92 -15.45
CA GLU A 107 -19.51 12.53 -16.69
C GLU A 107 -19.61 11.01 -16.89
N ASN A 108 -19.35 10.23 -15.84
CA ASN A 108 -19.54 8.79 -15.88
C ASN A 108 -20.95 8.32 -16.21
N ILE A 109 -21.94 8.96 -15.62
CA ILE A 109 -23.35 8.73 -15.92
C ILE A 109 -23.66 8.96 -17.41
N ALA A 110 -23.14 10.05 -17.96
CA ALA A 110 -23.42 10.38 -19.36
C ALA A 110 -22.72 9.42 -20.31
N MET A 111 -21.53 8.93 -19.97
CA MET A 111 -20.88 7.90 -20.79
C MET A 111 -21.58 6.57 -20.65
N LEU A 112 -22.09 6.28 -19.46
CA LEU A 112 -22.78 5.03 -19.24
C LEU A 112 -24.12 5.02 -20.00
N LYS A 113 -24.80 6.18 -20.08
CA LYS A 113 -26.01 6.35 -20.95
C LYS A 113 -25.67 6.10 -22.42
N LYS A 114 -24.59 6.68 -22.90
CA LYS A 114 -24.18 6.47 -24.30
C LYS A 114 -23.90 4.98 -24.61
N ILE A 115 -23.30 4.27 -23.67
CA ILE A 115 -23.02 2.84 -23.87
C ILE A 115 -24.30 1.99 -23.88
N GLN A 116 -25.23 2.30 -22.96
CA GLN A 116 -26.53 1.63 -22.87
C GLN A 116 -27.34 1.77 -24.18
N GLU A 117 -27.48 3.03 -24.65
CA GLU A 117 -28.18 3.43 -25.89
C GLU A 117 -27.55 2.84 -27.14
N SER A 118 -26.24 2.69 -27.15
CA SER A 118 -25.53 2.12 -28.31
C SER A 118 -25.75 0.60 -28.41
N ASP A 119 -25.22 0.00 -29.47
CA ASP A 119 -25.34 -1.44 -29.72
C ASP A 119 -24.22 -2.27 -29.05
N PHE A 120 -23.36 -1.61 -28.28
CA PHE A 120 -22.25 -2.30 -27.65
C PHE A 120 -22.78 -3.49 -26.83
N SER A 121 -22.24 -4.67 -27.14
CA SER A 121 -22.66 -5.93 -26.52
C SER A 121 -21.53 -6.55 -25.67
N GLY A 122 -20.45 -5.80 -25.43
CA GLY A 122 -19.32 -6.28 -24.64
C GLY A 122 -19.35 -5.76 -23.21
N ILE A 123 -18.19 -5.65 -22.59
CA ILE A 123 -18.13 -5.43 -21.14
C ILE A 123 -17.61 -4.09 -20.76
N THR A 124 -18.29 -3.43 -19.83
CA THR A 124 -17.85 -2.12 -19.37
C THR A 124 -17.14 -2.17 -18.01
N GLU A 125 -16.08 -1.37 -17.85
CA GLU A 125 -15.38 -1.26 -16.56
C GLU A 125 -15.41 0.19 -16.16
N LEU A 126 -16.12 0.46 -15.08
CA LEU A 126 -16.20 1.80 -14.52
C LEU A 126 -15.08 1.94 -13.50
N ASN A 127 -14.15 2.83 -13.78
CA ASN A 127 -12.95 3.04 -12.99
C ASN A 127 -13.23 4.05 -11.88
N LEU A 128 -13.21 3.61 -10.63
CA LEU A 128 -13.49 4.46 -9.49
C LEU A 128 -12.24 4.77 -8.68
N SER A 129 -11.08 4.72 -9.30
CA SER A 129 -9.85 4.63 -8.52
C SER A 129 -8.67 5.21 -9.24
N CYS A 130 -8.93 6.18 -10.13
CA CYS A 130 -7.87 6.82 -10.86
C CYS A 130 -7.17 7.76 -9.87
N PRO A 131 -5.87 7.50 -9.58
CA PRO A 131 -5.11 8.22 -8.53
C PRO A 131 -4.14 9.31 -9.05
N ASN A 132 -4.17 9.60 -10.35
CA ASN A 132 -3.15 10.41 -11.02
C ASN A 132 -3.72 11.72 -11.61
N VAL A 133 -4.93 12.08 -11.19
CA VAL A 133 -5.59 13.31 -11.67
C VAL A 133 -5.62 14.38 -10.58
N PRO A 134 -4.80 15.45 -10.69
CA PRO A 134 -4.69 16.42 -9.58
C PRO A 134 -6.04 17.06 -9.16
N GLY A 135 -6.44 16.84 -7.90
CA GLY A 135 -7.65 17.42 -7.36
C GLY A 135 -8.89 16.52 -7.33
N LYS A 136 -8.81 15.32 -7.93
CA LYS A 136 -9.87 14.27 -7.77
C LYS A 136 -9.41 13.12 -6.77
N PRO A 137 -9.96 13.11 -5.53
CA PRO A 137 -9.83 11.95 -4.62
C PRO A 137 -10.45 10.62 -5.18
N GLN A 138 -9.65 9.55 -5.25
CA GLN A 138 -10.13 8.20 -5.60
C GLN A 138 -11.50 8.00 -4.98
N LEU A 139 -12.52 7.86 -5.84
CA LEU A 139 -13.94 7.87 -5.43
C LEU A 139 -14.32 6.64 -4.56
N ALA A 140 -13.66 5.52 -4.82
CA ALA A 140 -13.88 4.26 -4.13
C ALA A 140 -13.30 4.22 -2.71
N TYR A 141 -12.65 5.31 -2.29
CA TYR A 141 -12.26 5.54 -0.89
C TYR A 141 -13.29 6.39 -0.14
N ASP A 142 -14.35 6.82 -0.85
CA ASP A 142 -15.49 7.57 -0.28
C ASP A 142 -16.73 6.69 -0.46
N PHE A 143 -17.04 5.93 0.58
CA PHE A 143 -18.07 4.89 0.57
C PHE A 143 -19.48 5.40 0.36
N GLU A 144 -19.77 6.61 0.80
CA GLU A 144 -21.09 7.22 0.57
C GLU A 144 -21.26 7.62 -0.91
N ALA A 145 -20.23 8.23 -1.50
CA ALA A 145 -20.30 8.68 -2.89
C ALA A 145 -20.29 7.49 -3.87
N THR A 146 -19.60 6.42 -3.50
CA THR A 146 -19.51 5.23 -4.34
C THR A 146 -20.86 4.56 -4.44
N GLU A 147 -21.53 4.44 -3.28
CA GLU A 147 -22.89 3.90 -3.20
C GLU A 147 -23.89 4.75 -3.98
N LYS A 148 -23.85 6.06 -3.76
CA LYS A 148 -24.81 7.00 -4.37
C LYS A 148 -24.69 6.98 -5.91
N LEU A 149 -23.45 6.90 -6.41
CA LEU A 149 -23.16 6.74 -7.83
C LEU A 149 -23.70 5.44 -8.39
N LEU A 150 -23.44 4.30 -7.71
CA LEU A 150 -23.84 2.98 -8.23
C LEU A 150 -25.36 2.81 -8.22
N LYS A 151 -26.05 3.35 -7.22
CA LYS A 151 -27.53 3.31 -7.21
C LYS A 151 -28.08 4.03 -8.43
N GLU A 152 -27.46 5.18 -8.76
CA GLU A 152 -27.89 5.90 -9.96
C GLU A 152 -27.61 5.11 -11.22
N VAL A 153 -26.43 4.51 -11.32
CA VAL A 153 -26.07 3.75 -12.51
C VAL A 153 -27.06 2.63 -12.72
N PHE A 154 -27.46 1.93 -11.66
CA PHE A 154 -28.27 0.72 -11.82
C PHE A 154 -29.78 0.93 -12.01
N THR A 155 -30.21 2.18 -12.04
CA THR A 155 -31.55 2.54 -12.49
C THR A 155 -31.67 2.55 -14.00
N PHE A 156 -30.57 2.54 -14.73
CA PHE A 156 -30.68 2.45 -16.19
C PHE A 156 -29.72 1.45 -16.89
N PHE A 157 -28.57 1.15 -16.27
CA PHE A 157 -27.52 0.41 -16.98
C PHE A 157 -27.73 -1.09 -16.78
N THR A 158 -28.13 -1.78 -17.87
CA THR A 158 -28.44 -3.20 -17.83
C THR A 158 -27.36 -4.09 -18.38
N LYS A 159 -26.37 -3.48 -19.02
CA LYS A 159 -25.30 -4.23 -19.67
C LYS A 159 -24.20 -4.60 -18.67
N PRO A 160 -23.34 -5.53 -19.07
CA PRO A 160 -22.40 -6.11 -18.13
C PRO A 160 -21.42 -5.02 -17.65
N LEU A 161 -21.33 -4.86 -16.34
CA LEU A 161 -20.60 -3.76 -15.71
C LEU A 161 -19.65 -4.28 -14.60
N GLY A 162 -18.37 -3.91 -14.65
CA GLY A 162 -17.48 -4.13 -13.53
C GLY A 162 -16.97 -2.81 -12.96
N VAL A 163 -16.32 -2.84 -11.80
CA VAL A 163 -15.71 -1.65 -11.19
C VAL A 163 -14.27 -1.88 -10.91
N LYS A 164 -13.42 -0.94 -11.30
CA LYS A 164 -11.98 -1.02 -11.05
C LYS A 164 -11.72 -0.37 -9.73
N LEU A 165 -11.21 -1.11 -8.78
CA LEU A 165 -11.07 -0.61 -7.41
C LEU A 165 -9.65 -0.35 -7.02
N PRO A 166 -9.46 0.63 -6.16
CA PRO A 166 -8.15 0.84 -5.54
C PRO A 166 -7.94 -0.22 -4.43
N PRO A 167 -6.71 -0.42 -4.03
CA PRO A 167 -6.44 -1.34 -2.95
C PRO A 167 -7.00 -0.86 -1.61
N TYR A 168 -7.62 -1.76 -0.84
CA TYR A 168 -7.91 -1.48 0.58
C TYR A 168 -6.90 -2.18 1.48
N PHE A 169 -6.75 -1.72 2.71
CA PHE A 169 -5.73 -2.21 3.63
C PHE A 169 -6.28 -2.51 5.02
N ASP A 170 -7.58 -2.38 5.19
CA ASP A 170 -8.29 -2.59 6.43
C ASP A 170 -9.46 -3.55 6.24
N LEU A 171 -9.49 -4.64 7.01
CA LEU A 171 -10.53 -5.66 6.84
C LEU A 171 -11.94 -5.10 6.88
N VAL A 172 -12.21 -4.14 7.75
CA VAL A 172 -13.52 -3.49 7.79
C VAL A 172 -13.85 -2.71 6.51
N HIS A 173 -12.84 -2.20 5.82
CA HIS A 173 -13.10 -1.53 4.54
C HIS A 173 -13.66 -2.55 3.53
N PHE A 174 -13.10 -3.76 3.49
CA PHE A 174 -13.63 -4.82 2.64
C PHE A 174 -15.09 -5.12 2.96
N ASP A 175 -15.48 -5.14 4.24
CA ASP A 175 -16.88 -5.47 4.62
C ASP A 175 -17.86 -4.39 4.20
N ILE A 176 -17.46 -3.12 4.38
CA ILE A 176 -18.31 -2.01 4.01
C ILE A 176 -18.53 -2.01 2.49
N MET A 177 -17.49 -2.32 1.72
CA MET A 177 -17.54 -2.26 0.27
C MET A 177 -18.30 -3.43 -0.31
N ALA A 178 -18.03 -4.62 0.22
CA ALA A 178 -18.83 -5.81 -0.15
C ALA A 178 -20.33 -5.60 0.08
N GLU A 179 -20.71 -4.98 1.19
CA GLU A 179 -22.10 -4.73 1.48
C GLU A 179 -22.71 -3.75 0.49
N ILE A 180 -21.91 -2.78 0.04
CA ILE A 180 -22.38 -1.90 -1.04
C ILE A 180 -22.48 -2.65 -2.37
N LEU A 181 -21.42 -3.32 -2.79
CA LEU A 181 -21.39 -3.98 -4.09
C LEU A 181 -22.43 -5.12 -4.25
N ASN A 182 -22.69 -5.83 -3.15
CA ASN A 182 -23.57 -6.99 -3.13
C ASN A 182 -25.07 -6.64 -3.35
N GLN A 183 -25.46 -5.40 -3.10
CA GLN A 183 -26.85 -5.02 -3.42
C GLN A 183 -27.16 -4.76 -4.92
N PHE A 184 -26.18 -4.92 -5.82
CA PHE A 184 -26.37 -4.59 -7.25
C PHE A 184 -26.07 -5.77 -8.20
N PRO A 185 -26.66 -5.75 -9.40
CA PRO A 185 -26.38 -6.77 -10.42
C PRO A 185 -25.06 -6.50 -11.20
N LEU A 186 -24.02 -6.20 -10.43
CA LEU A 186 -22.65 -6.09 -10.90
C LEU A 186 -22.13 -7.41 -11.47
N THR A 187 -21.43 -7.32 -12.59
CA THR A 187 -20.77 -8.46 -13.20
C THR A 187 -19.42 -8.81 -12.54
N TYR A 188 -18.66 -7.79 -12.11
CA TYR A 188 -17.36 -8.06 -11.53
C TYR A 188 -16.74 -6.90 -10.81
N VAL A 189 -15.74 -7.25 -10.01
CA VAL A 189 -14.86 -6.33 -9.35
C VAL A 189 -13.43 -6.63 -9.85
N ASN A 190 -12.69 -5.56 -10.19
CA ASN A 190 -11.28 -5.64 -10.60
C ASN A 190 -10.38 -5.04 -9.52
N SER A 191 -9.71 -5.92 -8.76
CA SER A 191 -8.72 -5.52 -7.75
C SER A 191 -7.32 -5.97 -8.23
N VAL A 192 -6.33 -5.07 -8.32
CA VAL A 192 -6.41 -3.65 -7.91
C VAL A 192 -5.80 -2.68 -8.92
N ASN A 193 -6.21 -1.45 -8.78
CA ASN A 193 -5.51 -0.31 -9.38
C ASN A 193 -4.25 -0.05 -8.54
N SER A 194 -3.42 0.83 -9.04
CA SER A 194 -2.13 1.16 -8.44
C SER A 194 -2.20 1.42 -6.94
N ILE A 195 -1.12 1.09 -6.25
CA ILE A 195 -0.91 1.65 -4.92
C ILE A 195 -0.67 3.13 -5.09
N GLY A 196 -1.65 3.91 -4.67
CA GLY A 196 -1.69 5.33 -4.91
C GLY A 196 -0.68 6.14 -4.18
N ASN A 197 -0.27 7.21 -4.87
CA ASN A 197 0.57 8.27 -4.29
C ASN A 197 1.80 7.86 -3.51
N GLY A 198 2.58 6.95 -4.09
CA GLY A 198 3.91 6.67 -3.65
C GLY A 198 4.94 7.62 -4.25
N LEU A 199 6.17 7.48 -3.81
CA LEU A 199 7.24 8.34 -4.25
C LEU A 199 8.48 7.47 -4.63
N PHE A 200 9.13 7.82 -5.72
CA PHE A 200 10.45 7.21 -6.00
C PHE A 200 11.43 8.34 -6.16
N ILE A 201 12.66 8.09 -5.71
CA ILE A 201 13.68 9.10 -5.61
C ILE A 201 14.99 8.64 -6.25
N ASP A 202 15.54 9.50 -7.10
CA ASP A 202 16.89 9.38 -7.61
C ASP A 202 17.81 9.99 -6.55
N PRO A 203 18.66 9.17 -5.96
CA PRO A 203 19.49 9.63 -4.83
C PRO A 203 20.72 10.45 -5.29
N GLU A 204 21.24 10.21 -6.51
CA GLU A 204 22.31 11.09 -7.01
C GLU A 204 21.76 12.51 -7.31
N ALA A 205 20.65 12.61 -8.01
CA ALA A 205 20.12 13.93 -8.36
C ALA A 205 19.32 14.54 -7.22
N GLU A 206 19.06 13.74 -6.19
CA GLU A 206 18.29 14.19 -5.03
C GLU A 206 16.93 14.68 -5.42
N SER A 207 16.30 13.97 -6.38
CA SER A 207 15.00 14.39 -6.94
C SER A 207 14.05 13.24 -7.21
N VAL A 208 12.74 13.58 -7.18
CA VAL A 208 11.67 12.76 -7.74
C VAL A 208 11.98 12.48 -9.20
N VAL A 209 11.37 11.40 -9.75
CA VAL A 209 11.62 10.95 -11.12
C VAL A 209 10.44 11.16 -12.09
N ILE A 210 9.31 11.70 -11.59
CA ILE A 210 8.26 12.19 -12.44
C ILE A 210 7.93 13.60 -12.09
N LYS A 211 7.50 14.36 -13.13
CA LYS A 211 7.18 15.75 -13.01
C LYS A 211 5.85 16.11 -12.36
N PRO A 212 4.75 15.41 -12.66
CA PRO A 212 3.45 15.79 -12.08
C PRO A 212 3.44 15.66 -10.54
N LYS A 213 2.66 16.48 -9.80
CA LYS A 213 2.31 16.20 -8.39
C LYS A 213 3.53 15.95 -7.50
N ASP A 214 4.61 16.70 -7.79
CA ASP A 214 5.83 16.67 -7.03
C ASP A 214 6.42 15.24 -6.91
N GLY A 215 6.19 14.39 -7.90
CA GLY A 215 6.84 13.07 -7.98
C GLY A 215 6.00 11.92 -7.44
N PHE A 216 4.86 12.27 -6.86
CA PHE A 216 3.91 11.33 -6.31
C PHE A 216 3.17 10.65 -7.46
N GLY A 217 3.21 9.31 -7.49
CA GLY A 217 2.55 8.53 -8.51
C GLY A 217 2.13 7.12 -8.04
N GLY A 218 1.20 6.53 -8.80
CA GLY A 218 0.74 5.19 -8.54
C GLY A 218 1.84 4.16 -8.75
N ILE A 219 1.85 3.18 -7.85
CA ILE A 219 2.91 2.18 -7.84
C ILE A 219 2.33 0.89 -8.36
N GLY A 220 3.10 0.23 -9.21
CA GLY A 220 2.76 -1.09 -9.69
C GLY A 220 3.95 -2.02 -9.75
N GLY A 221 3.69 -3.28 -10.10
CA GLY A 221 4.66 -4.34 -10.18
C GLY A 221 4.79 -5.16 -8.89
N ALA A 222 5.95 -5.73 -8.70
CA ALA A 222 6.23 -6.65 -7.62
C ALA A 222 5.98 -6.01 -6.26
N TYR A 223 6.29 -4.73 -6.15
CA TYR A 223 5.95 -3.95 -5.01
C TYR A 223 4.57 -4.27 -4.47
N ILE A 224 3.58 -4.46 -5.35
CA ILE A 224 2.18 -4.43 -4.90
C ILE A 224 1.52 -5.80 -4.89
N LYS A 225 2.22 -6.87 -5.20
CA LYS A 225 1.49 -8.12 -5.32
C LYS A 225 0.84 -8.50 -4.00
N PRO A 226 1.53 -8.35 -2.85
CA PRO A 226 0.93 -8.73 -1.58
C PRO A 226 -0.38 -8.02 -1.32
N THR A 227 -0.42 -6.73 -1.64
CA THR A 227 -1.66 -6.01 -1.53
C THR A 227 -2.72 -6.48 -2.54
N ALA A 228 -2.27 -6.84 -3.75
CA ALA A 228 -3.22 -7.22 -4.79
C ALA A 228 -3.83 -8.54 -4.48
N LEU A 229 -3.01 -9.52 -4.15
CA LEU A 229 -3.49 -10.80 -3.69
C LEU A 229 -4.46 -10.66 -2.54
N ALA A 230 -4.11 -9.85 -1.59
CA ALA A 230 -4.94 -9.75 -0.41
C ALA A 230 -6.33 -9.23 -0.81
N ASN A 231 -6.33 -8.28 -1.71
CA ASN A 231 -7.56 -7.66 -2.20
C ASN A 231 -8.44 -8.57 -3.00
N VAL A 232 -7.81 -9.39 -3.84
CA VAL A 232 -8.54 -10.40 -4.57
C VAL A 232 -9.14 -11.43 -3.59
N ARG A 233 -8.32 -11.98 -2.70
CA ARG A 233 -8.81 -12.96 -1.75
C ARG A 233 -9.93 -12.37 -0.86
N ALA A 234 -9.70 -11.17 -0.36
CA ALA A 234 -10.64 -10.65 0.61
C ALA A 234 -12.01 -10.39 -0.01
N PHE A 235 -12.06 -9.92 -1.25
CA PHE A 235 -13.34 -9.80 -1.93
C PHE A 235 -13.94 -11.15 -2.33
N TYR A 236 -13.09 -12.11 -2.65
CA TYR A 236 -13.55 -13.43 -3.01
C TYR A 236 -14.38 -14.11 -1.91
N THR A 237 -13.97 -13.93 -0.65
CA THR A 237 -14.70 -14.56 0.46
C THR A 237 -15.86 -13.71 0.99
N ARG A 238 -16.10 -12.52 0.41
CA ARG A 238 -17.22 -11.63 0.86
C ARG A 238 -18.24 -11.30 -0.22
N LEU A 239 -17.84 -11.31 -1.49
CA LEU A 239 -18.73 -11.07 -2.57
C LEU A 239 -19.61 -12.29 -2.83
N LYS A 240 -20.90 -12.03 -2.93
CA LYS A 240 -21.90 -12.91 -3.58
C LYS A 240 -21.38 -13.50 -4.91
N PRO A 241 -21.58 -14.78 -5.16
CA PRO A 241 -20.91 -15.46 -6.29
C PRO A 241 -21.32 -14.96 -7.73
N GLU A 242 -22.43 -14.23 -7.85
CA GLU A 242 -22.80 -13.56 -9.11
C GLU A 242 -21.66 -12.60 -9.52
N ILE A 243 -21.05 -11.93 -8.55
CA ILE A 243 -20.00 -10.96 -8.84
C ILE A 243 -18.64 -11.62 -8.83
N GLN A 244 -18.08 -11.83 -10.02
CA GLN A 244 -16.75 -12.42 -10.16
C GLN A 244 -15.65 -11.34 -10.06
N ILE A 245 -14.39 -11.76 -10.21
CA ILE A 245 -13.23 -10.94 -9.88
C ILE A 245 -12.19 -11.02 -11.00
N ILE A 246 -11.67 -9.87 -11.36
CA ILE A 246 -10.47 -9.80 -12.14
C ILE A 246 -9.34 -9.48 -11.17
N GLY A 247 -8.26 -10.25 -11.27
CA GLY A 247 -7.08 -10.05 -10.49
C GLY A 247 -6.14 -9.13 -11.26
N THR A 248 -5.75 -8.03 -10.63
CA THR A 248 -4.71 -7.20 -11.18
C THR A 248 -3.71 -6.75 -10.08
N GLY A 249 -2.42 -6.93 -10.36
CA GLY A 249 -1.38 -6.34 -9.57
C GLY A 249 -0.22 -7.30 -9.47
N GLY A 250 0.91 -6.91 -10.06
CA GLY A 250 2.18 -7.58 -9.85
C GLY A 250 2.24 -8.90 -10.56
N ILE A 251 1.45 -9.06 -11.64
CA ILE A 251 1.56 -10.26 -12.43
C ILE A 251 2.67 -10.15 -13.49
N GLU A 252 3.60 -11.08 -13.44
CA GLU A 252 4.74 -11.15 -14.40
C GLU A 252 5.04 -12.58 -14.84
N THR A 253 4.86 -13.55 -13.97
CA THR A 253 5.26 -14.92 -14.27
C THR A 253 4.00 -15.78 -14.11
N GLY A 254 4.08 -17.03 -14.53
CA GLY A 254 2.97 -17.99 -14.32
C GLY A 254 2.63 -18.25 -12.86
N GLN A 255 3.67 -18.22 -12.02
CA GLN A 255 3.50 -18.38 -10.57
C GLN A 255 2.64 -17.21 -10.02
N ASP A 256 2.92 -15.98 -10.47
CA ASP A 256 2.09 -14.83 -10.06
C ASP A 256 0.63 -15.04 -10.47
N ALA A 257 0.44 -15.43 -11.72
CA ALA A 257 -0.88 -15.74 -12.25
C ALA A 257 -1.52 -16.83 -11.41
N PHE A 258 -0.78 -17.90 -11.13
CA PHE A 258 -1.28 -19.03 -10.30
C PHE A 258 -1.76 -18.57 -8.92
N GLU A 259 -1.02 -17.66 -8.30
CA GLU A 259 -1.41 -17.13 -6.99
C GLU A 259 -2.71 -16.32 -6.98
N HIS A 260 -2.91 -15.43 -7.96
CA HIS A 260 -4.19 -14.69 -8.15
C HIS A 260 -5.36 -15.65 -8.38
N LEU A 261 -5.16 -16.70 -9.18
CA LEU A 261 -6.21 -17.67 -9.46
C LEU A 261 -6.58 -18.45 -8.19
N LEU A 262 -5.56 -18.80 -7.42
CA LEU A 262 -5.80 -19.52 -6.17
C LEU A 262 -6.59 -18.64 -5.20
N CYS A 263 -6.42 -17.32 -5.26
CA CYS A 263 -7.13 -16.40 -4.37
C CYS A 263 -8.60 -16.24 -4.73
N GLY A 264 -8.93 -16.47 -6.00
CA GLY A 264 -10.29 -16.46 -6.47
C GLY A 264 -10.52 -15.57 -7.69
N ALA A 265 -9.47 -15.12 -8.35
CA ALA A 265 -9.57 -14.27 -9.55
C ALA A 265 -9.98 -15.15 -10.69
N THR A 266 -10.79 -14.62 -11.59
CA THR A 266 -11.20 -15.39 -12.77
C THR A 266 -10.44 -14.94 -14.03
N MET A 267 -10.46 -13.64 -14.32
CA MET A 267 -9.56 -13.07 -15.31
C MET A 267 -8.39 -12.42 -14.55
N LEU A 268 -7.31 -12.15 -15.31
CA LEU A 268 -6.08 -11.59 -14.81
C LEU A 268 -5.62 -10.45 -15.75
N GLN A 269 -5.24 -9.30 -15.15
CA GLN A 269 -4.72 -8.21 -15.97
C GLN A 269 -3.28 -7.91 -15.63
N ILE A 270 -2.54 -7.63 -16.68
CA ILE A 270 -1.11 -7.42 -16.61
C ILE A 270 -0.80 -5.99 -17.06
N GLY A 271 -0.23 -5.18 -16.17
CA GLY A 271 0.06 -3.79 -16.48
C GLY A 271 1.56 -3.61 -16.68
N THR A 272 2.24 -3.16 -15.62
CA THR A 272 3.65 -2.92 -15.60
C THR A 272 4.45 -3.90 -16.42
N ALA A 273 4.28 -5.21 -16.23
CA ALA A 273 5.14 -6.16 -16.98
C ALA A 273 4.84 -6.12 -18.49
N LEU A 274 3.61 -5.89 -18.86
CA LEU A 274 3.25 -5.78 -20.30
C LEU A 274 3.92 -4.51 -20.91
N HIS A 275 3.82 -3.40 -20.21
CA HIS A 275 4.53 -2.19 -20.60
C HIS A 275 6.03 -2.43 -20.85
N LYS A 276 6.67 -3.25 -20.02
CA LYS A 276 8.10 -3.51 -20.15
C LYS A 276 8.36 -4.42 -21.33
N GLU A 277 7.57 -5.48 -21.46
CA GLU A 277 7.88 -6.59 -22.35
C GLU A 277 7.17 -6.57 -23.74
N GLY A 278 6.03 -5.93 -23.79
CA GLY A 278 5.20 -5.94 -24.95
C GLY A 278 4.24 -7.11 -24.98
N PRO A 279 3.43 -7.17 -26.02
CA PRO A 279 2.40 -8.21 -26.10
C PRO A 279 2.90 -9.66 -26.15
N ALA A 280 4.18 -9.86 -26.47
CA ALA A 280 4.78 -11.20 -26.43
C ALA A 280 4.66 -11.86 -25.04
N ILE A 281 4.44 -11.04 -24.01
CA ILE A 281 4.29 -11.52 -22.62
C ILE A 281 3.22 -12.60 -22.53
N PHE A 282 2.18 -12.46 -23.33
CA PHE A 282 1.00 -13.29 -23.11
C PHE A 282 1.35 -14.72 -23.48
N ASP A 283 2.08 -14.89 -24.57
CA ASP A 283 2.56 -16.24 -24.94
C ASP A 283 3.48 -16.85 -23.85
N ARG A 284 4.37 -16.03 -23.27
CA ARG A 284 5.33 -16.51 -22.26
C ARG A 284 4.55 -16.96 -20.97
N ILE A 285 3.69 -16.09 -20.45
CA ILE A 285 3.06 -16.32 -19.18
C ILE A 285 1.98 -17.42 -19.24
N ILE A 286 1.29 -17.49 -20.35
CA ILE A 286 0.47 -18.67 -20.67
C ILE A 286 1.23 -20.02 -20.58
N LYS A 287 2.38 -20.11 -21.23
CA LYS A 287 3.22 -21.34 -21.08
C LYS A 287 3.80 -21.59 -19.69
N GLU A 288 4.11 -20.52 -18.94
CA GLU A 288 4.51 -20.71 -17.56
C GLU A 288 3.34 -21.28 -16.72
N LEU A 289 2.11 -20.77 -16.88
CA LEU A 289 1.01 -21.21 -16.04
C LEU A 289 0.74 -22.66 -16.38
N GLU A 290 0.85 -22.98 -17.66
CA GLU A 290 0.58 -24.32 -18.17
C GLU A 290 1.53 -25.36 -17.63
N GLU A 291 2.81 -25.00 -17.55
CA GLU A 291 3.83 -25.90 -17.04
C GLU A 291 3.66 -26.14 -15.53
N ILE A 292 3.19 -25.11 -14.82
CA ILE A 292 2.92 -25.25 -13.40
C ILE A 292 1.75 -26.20 -13.26
N MET A 293 0.76 -26.02 -14.12
CA MET A 293 -0.40 -26.88 -14.09
C MET A 293 0.01 -28.32 -14.42
N ASN A 294 0.84 -28.54 -15.44
CA ASN A 294 1.27 -29.90 -15.79
C ASN A 294 2.07 -30.58 -14.70
N GLN A 295 2.92 -29.84 -13.99
CA GLN A 295 3.72 -30.43 -12.90
C GLN A 295 2.81 -30.92 -11.77
N LYS A 296 1.74 -30.18 -11.49
CA LYS A 296 0.81 -30.49 -10.40
C LYS A 296 -0.29 -31.42 -10.86
N GLY A 297 -0.30 -31.78 -12.16
CA GLY A 297 -1.30 -32.68 -12.71
C GLY A 297 -2.66 -32.03 -12.82
N TYR A 298 -2.70 -30.72 -13.07
CA TYR A 298 -3.96 -30.02 -13.27
C TYR A 298 -4.19 -29.80 -14.77
N GLN A 299 -5.43 -29.98 -15.18
CA GLN A 299 -5.79 -29.91 -16.59
C GLN A 299 -6.75 -28.74 -16.83
N SER A 300 -7.20 -28.10 -15.78
CA SER A 300 -8.09 -27.01 -15.91
C SER A 300 -8.00 -26.05 -14.69
N ILE A 301 -8.41 -24.80 -14.87
CA ILE A 301 -8.28 -23.80 -13.80
C ILE A 301 -9.17 -24.15 -12.61
N ALA A 302 -10.28 -24.83 -12.87
CA ALA A 302 -11.23 -25.17 -11.79
C ALA A 302 -10.62 -26.11 -10.70
N ASP A 303 -9.56 -26.84 -11.06
CA ASP A 303 -8.82 -27.69 -10.15
C ASP A 303 -8.19 -26.92 -8.96
N PHE A 304 -7.83 -25.65 -9.15
CA PHE A 304 -7.27 -24.86 -8.08
C PHE A 304 -7.88 -23.48 -7.87
N HIS A 305 -8.86 -23.07 -8.69
CA HIS A 305 -9.42 -21.73 -8.64
C HIS A 305 -10.04 -21.53 -7.27
N GLY A 306 -9.58 -20.52 -6.54
CA GLY A 306 -10.10 -20.20 -5.23
C GLY A 306 -9.76 -21.07 -4.05
N LYS A 307 -8.82 -21.98 -4.25
CA LYS A 307 -8.48 -23.01 -3.27
C LYS A 307 -7.24 -22.74 -2.40
N LEU A 308 -6.84 -21.48 -2.29
CA LEU A 308 -5.80 -21.06 -1.33
C LEU A 308 -6.10 -21.62 0.08
N LYS A 309 -5.17 -22.42 0.58
CA LYS A 309 -5.30 -23.01 1.93
C LYS A 309 -4.84 -22.01 3.00
N SER A 310 -5.69 -21.80 4.00
CA SER A 310 -5.25 -21.24 5.28
C SER A 310 -4.48 -22.34 6.08
N LEU A 311 -3.63 -21.92 7.00
CA LEU A 311 -2.95 -22.83 7.95
C LEU A 311 -3.80 -23.07 9.21
N MET B 1 29.21 13.56 12.12
CA MET B 1 28.45 13.68 10.81
C MET B 1 26.96 13.54 10.93
N LEU B 2 26.46 12.59 11.76
CA LEU B 2 25.02 12.28 11.81
C LEU B 2 24.33 12.86 13.02
N ASN B 3 25.08 13.65 13.76
CA ASN B 3 24.57 14.26 14.95
C ASN B 3 23.22 14.95 14.68
N THR B 4 22.27 14.71 15.55
CA THR B 4 20.91 15.04 15.28
C THR B 4 20.26 15.56 16.53
N THR B 5 19.39 16.53 16.33
CA THR B 5 18.60 17.16 17.36
C THR B 5 17.12 16.78 17.11
N PHE B 6 16.47 16.15 18.09
CA PHE B 6 15.08 15.72 17.91
C PHE B 6 14.37 15.76 19.23
N ALA B 7 13.16 16.29 19.21
CA ALA B 7 12.40 16.62 20.42
C ALA B 7 13.24 17.35 21.48
N ASN B 8 13.96 18.38 21.08
CA ASN B 8 14.85 19.15 21.96
C ASN B 8 15.96 18.34 22.64
N ALA B 9 16.20 17.11 22.17
CA ALA B 9 17.24 16.25 22.69
C ALA B 9 18.32 16.01 21.65
N LYS B 10 19.44 15.46 22.05
CA LYS B 10 20.56 15.32 21.16
C LYS B 10 20.85 13.85 21.01
N PHE B 11 20.96 13.37 19.77
CA PHE B 11 21.34 11.97 19.52
C PHE B 11 22.57 11.93 18.67
N ALA B 12 23.43 10.94 18.87
CA ALA B 12 24.61 10.76 18.04
C ALA B 12 24.29 10.49 16.55
N ASN B 13 23.12 9.93 16.28
CA ASN B 13 22.72 9.60 14.90
C ASN B 13 21.23 9.35 14.84
N PRO B 14 20.60 9.44 13.67
CA PRO B 14 19.13 9.42 13.66
C PRO B 14 18.58 7.98 13.74
N PHE B 15 19.43 6.96 13.58
CA PHE B 15 19.01 5.56 13.57
C PHE B 15 18.44 4.94 14.85
N MET B 16 17.34 4.23 14.68
CA MET B 16 16.68 3.54 15.76
C MET B 16 16.18 2.18 15.26
N ASN B 17 15.85 1.28 16.17
CA ASN B 17 14.98 0.15 15.85
C ASN B 17 13.56 0.66 15.63
N ALA B 18 12.77 -0.07 14.86
CA ALA B 18 11.34 0.21 14.78
C ALA B 18 10.70 -0.62 15.87
N SER B 19 9.66 -0.10 16.53
CA SER B 19 9.00 -0.81 17.61
C SER B 19 8.47 -2.14 17.07
N GLY B 20 8.49 -3.13 17.94
CA GLY B 20 8.20 -4.50 17.55
C GLY B 20 9.45 -5.29 17.20
N VAL B 21 10.53 -4.63 16.83
CA VAL B 21 11.75 -5.37 16.37
C VAL B 21 12.87 -5.25 17.39
N HIS B 22 13.36 -6.37 17.81
CA HIS B 22 14.46 -6.43 18.75
C HIS B 22 14.31 -5.55 20.02
N CYS B 23 13.11 -5.50 20.56
CA CYS B 23 12.80 -4.66 21.71
C CYS B 23 11.72 -5.23 22.67
N MET B 24 11.59 -6.54 22.69
CA MET B 24 10.54 -7.22 23.45
C MET B 24 10.92 -7.38 24.96
N THR B 25 12.15 -7.84 25.17
CA THR B 25 12.69 -8.03 26.51
C THR B 25 13.73 -6.97 26.91
N ILE B 26 13.93 -6.89 28.22
CA ILE B 26 15.06 -6.15 28.77
C ILE B 26 16.36 -6.58 28.06
N GLU B 27 16.59 -7.86 27.85
CA GLU B 27 17.85 -8.26 27.18
C GLU B 27 17.94 -7.71 25.72
N ASP B 28 16.81 -7.70 25.01
CA ASP B 28 16.77 -7.11 23.65
C ASP B 28 17.18 -5.66 23.72
N LEU B 29 16.59 -4.97 24.69
CA LEU B 29 16.75 -3.53 24.81
C LEU B 29 18.17 -3.17 25.14
N GLU B 30 18.83 -3.99 25.94
CA GLU B 30 20.19 -3.71 26.36
C GLU B 30 21.11 -3.93 25.18
N GLU B 31 20.74 -4.83 24.27
CA GLU B 31 21.59 -5.06 23.09
C GLU B 31 21.50 -3.86 22.11
N LEU B 32 20.37 -3.15 22.14
CA LEU B 32 20.20 -1.92 21.39
C LEU B 32 20.98 -0.78 22.01
N LYS B 33 21.03 -0.73 23.34
CA LYS B 33 21.88 0.22 24.05
C LYS B 33 23.32 -0.04 23.64
N ALA B 34 23.74 -1.28 23.70
CA ALA B 34 25.12 -1.62 23.31
C ALA B 34 25.43 -1.34 21.81
N SER B 35 24.41 -1.40 20.93
CA SER B 35 24.60 -1.12 19.48
C SER B 35 24.90 0.37 19.21
N GLN B 36 25.23 0.67 17.95
CA GLN B 36 25.40 2.05 17.48
C GLN B 36 24.09 2.83 17.23
N ALA B 37 22.95 2.18 17.41
CA ALA B 37 21.71 2.90 17.24
C ALA B 37 21.86 4.16 18.04
N GLY B 38 21.47 5.28 17.45
CA GLY B 38 21.46 6.56 18.12
C GLY B 38 20.36 6.63 19.16
N ALA B 39 19.32 5.82 18.98
CA ALA B 39 18.25 5.74 19.97
C ALA B 39 17.51 4.43 19.83
N TYR B 40 16.55 4.21 20.72
CA TYR B 40 15.80 2.96 20.65
C TYR B 40 14.52 3.03 21.38
N ILE B 41 13.60 2.15 20.97
CA ILE B 41 12.23 2.22 21.40
C ILE B 41 11.74 0.87 21.86
N THR B 42 10.84 0.85 22.83
CA THR B 42 10.32 -0.41 23.34
C THR B 42 9.24 -0.95 22.39
N LYS B 43 9.01 -2.25 22.49
CA LYS B 43 7.82 -2.92 21.97
C LYS B 43 6.53 -2.21 22.45
N SER B 44 5.61 -1.91 21.54
CA SER B 44 4.31 -1.41 21.93
C SER B 44 3.77 -2.26 23.05
N SER B 45 3.22 -1.65 24.09
CA SER B 45 2.69 -2.42 25.17
C SER B 45 1.22 -2.19 25.36
N THR B 46 0.59 -3.15 26.00
CA THR B 46 -0.79 -3.06 26.44
C THR B 46 -0.78 -3.21 27.95
N LEU B 47 -1.92 -2.90 28.56
CA LEU B 47 -2.05 -2.86 30.02
C LEU B 47 -1.72 -4.20 30.65
N GLU B 48 -2.19 -5.29 30.04
CA GLU B 48 -1.82 -6.66 30.47
C GLU B 48 -0.80 -7.33 29.53
N LYS B 49 -0.03 -8.27 30.06
CA LYS B 49 0.82 -9.07 29.21
C LYS B 49 -0.03 -9.89 28.16
N ARG B 50 0.57 -10.11 27.00
CA ARG B 50 -0.10 -10.79 25.88
C ARG B 50 0.88 -11.79 25.26
N GLU B 51 0.38 -12.99 25.04
CA GLU B 51 1.11 -14.03 24.32
C GLU B 51 1.18 -13.71 22.80
N GLY B 52 0.19 -12.97 22.28
CA GLY B 52 0.09 -12.71 20.86
C GLY B 52 -0.69 -13.81 20.10
N ASN B 53 -0.59 -13.74 18.78
CA ASN B 53 -1.23 -14.63 17.82
C ASN B 53 -0.45 -15.97 17.71
N PRO B 54 -1.15 -17.00 17.25
CA PRO B 54 -0.57 -18.32 16.96
C PRO B 54 0.53 -18.28 15.90
N LEU B 55 1.48 -19.19 15.97
CA LEU B 55 2.60 -19.25 15.05
C LEU B 55 2.22 -20.22 13.93
N PRO B 56 2.84 -20.12 12.73
CA PRO B 56 3.84 -19.07 12.42
C PRO B 56 3.19 -17.72 12.18
N ARG B 57 3.84 -16.65 12.63
CA ARG B 57 3.30 -15.29 12.54
C ARG B 57 4.33 -14.26 12.01
N TYR B 58 5.51 -14.72 11.63
CA TYR B 58 6.47 -13.83 11.02
C TYR B 58 7.16 -14.63 9.98
N VAL B 59 7.33 -14.08 8.77
CA VAL B 59 8.09 -14.75 7.73
C VAL B 59 8.94 -13.74 6.95
N ASP B 60 10.22 -14.08 6.75
CA ASP B 60 11.16 -13.36 5.89
C ASP B 60 10.80 -13.62 4.41
N LEU B 61 10.73 -12.57 3.60
CA LEU B 61 10.46 -12.66 2.15
C LEU B 61 11.59 -11.99 1.37
N GLU B 62 11.84 -12.44 0.16
CA GLU B 62 12.87 -11.85 -0.72
C GLU B 62 12.86 -10.30 -0.74
N LEU B 63 11.66 -9.73 -0.75
CA LEU B 63 11.47 -8.27 -0.79
C LEU B 63 10.92 -7.63 0.51
N GLY B 64 10.91 -8.37 1.60
CA GLY B 64 10.67 -7.78 2.90
C GLY B 64 10.23 -8.80 3.94
N SER B 65 9.05 -8.58 4.49
CA SER B 65 8.51 -9.47 5.51
C SER B 65 7.04 -9.39 5.59
N ILE B 66 6.45 -10.39 6.20
CA ILE B 66 5.03 -10.37 6.52
C ILE B 66 4.92 -10.88 7.92
N ASN B 67 4.01 -10.29 8.66
CA ASN B 67 3.83 -10.69 10.02
C ASN B 67 2.45 -10.40 10.51
N SER B 68 1.96 -11.27 11.39
CA SER B 68 0.80 -10.91 12.21
C SER B 68 1.02 -11.26 13.68
N MET B 69 1.91 -10.52 14.34
CA MET B 69 2.39 -10.90 15.67
C MET B 69 1.27 -10.93 16.69
N GLY B 70 0.39 -9.92 16.68
CA GLY B 70 -0.74 -9.81 17.60
C GLY B 70 -0.43 -9.09 18.91
N LEU B 71 0.52 -8.17 18.86
CA LEU B 71 0.96 -7.40 19.99
C LEU B 71 1.42 -8.27 21.15
N PRO B 72 2.31 -9.22 20.92
CA PRO B 72 2.89 -9.90 22.06
C PRO B 72 3.69 -8.80 22.79
N ASN B 73 3.56 -8.77 24.12
CA ASN B 73 4.38 -7.91 24.97
C ASN B 73 4.32 -8.35 26.42
N LEU B 74 5.26 -7.82 27.20
CA LEU B 74 5.43 -8.26 28.59
C LEU B 74 4.69 -7.39 29.55
N GLY B 75 3.86 -6.49 29.03
CA GLY B 75 2.96 -5.70 29.85
C GLY B 75 3.53 -4.31 30.04
N PHE B 76 2.64 -3.32 30.21
CA PHE B 76 3.05 -1.95 30.40
C PHE B 76 4.00 -1.80 31.63
N ASP B 77 3.60 -2.32 32.79
CA ASP B 77 4.35 -2.20 34.05
C ASP B 77 5.77 -2.68 33.93
N TYR B 78 5.98 -3.75 33.19
CA TYR B 78 7.37 -4.19 32.89
C TYR B 78 8.20 -3.20 32.05
N TYR B 79 7.63 -2.58 31.00
CA TYR B 79 8.44 -1.63 30.22
C TYR B 79 8.71 -0.36 31.05
N LEU B 80 7.69 0.15 31.73
CA LEU B 80 7.82 1.35 32.53
C LEU B 80 8.91 1.20 33.59
N ASP B 81 8.94 0.05 34.27
CA ASP B 81 9.92 -0.18 35.33
C ASP B 81 11.30 -0.27 34.73
N TYR B 82 11.44 -0.83 33.52
CA TYR B 82 12.72 -0.85 32.84
C TYR B 82 13.21 0.56 32.50
N VAL B 83 12.36 1.38 31.87
CA VAL B 83 12.83 2.70 31.44
C VAL B 83 13.11 3.64 32.64
N LEU B 84 12.34 3.46 33.72
CA LEU B 84 12.55 4.22 34.95
C LEU B 84 13.94 3.98 35.57
N LYS B 85 14.35 2.70 35.67
CA LYS B 85 15.68 2.31 36.16
C LYS B 85 16.77 2.72 35.20
N ASN B 86 16.43 2.86 33.92
CA ASN B 86 17.44 3.11 32.91
C ASN B 86 17.81 4.60 32.77
N GLN B 87 16.89 5.53 33.05
CA GLN B 87 17.18 6.97 33.00
C GLN B 87 17.93 7.46 34.28
N LYS B 88 17.71 6.76 35.40
CA LYS B 88 18.53 6.89 36.62
C LYS B 88 20.04 6.66 36.38
N GLU B 89 20.36 5.66 35.56
CA GLU B 89 21.76 5.32 35.27
C GLU B 89 22.55 6.41 34.50
N ASN B 90 21.84 7.24 33.71
CA ASN B 90 22.47 8.18 32.71
C ASN B 90 23.59 7.50 31.85
N ALA B 91 23.28 6.31 31.30
CA ALA B 91 24.26 5.46 30.62
C ALA B 91 24.18 5.53 29.08
N GLN B 92 23.40 6.48 28.57
CA GLN B 92 23.27 6.73 27.11
C GLN B 92 23.01 8.23 26.77
N GLU B 93 23.47 8.66 25.58
CA GLU B 93 23.12 9.97 24.94
C GLU B 93 21.63 10.02 24.44
N GLY B 94 20.78 10.78 25.12
CA GLY B 94 19.40 10.94 24.69
C GLY B 94 18.44 9.88 25.24
N PRO B 95 17.20 10.27 25.37
CA PRO B 95 16.25 9.45 26.09
C PRO B 95 15.75 8.26 25.27
N ILE B 96 15.14 7.34 25.98
CA ILE B 96 14.61 6.15 25.39
C ILE B 96 13.16 6.48 24.95
N PHE B 97 12.66 5.76 23.96
CA PHE B 97 11.28 5.94 23.55
C PHE B 97 10.45 4.78 24.03
N PHE B 98 9.20 5.06 24.24
CA PHE B 98 8.30 4.16 24.92
C PHE B 98 7.03 4.08 24.17
N SER B 99 6.78 2.96 23.49
CA SER B 99 5.60 2.73 22.67
C SER B 99 4.47 2.06 23.44
N ILE B 100 3.27 2.66 23.39
CA ILE B 100 2.04 2.01 23.81
C ILE B 100 1.04 1.82 22.66
N ALA B 101 0.37 0.68 22.63
CA ALA B 101 -0.70 0.42 21.66
C ALA B 101 -1.87 -0.22 22.33
N GLY B 102 -2.61 0.57 23.07
CA GLY B 102 -3.75 0.06 23.79
C GLY B 102 -4.80 -0.51 22.86
N MET B 103 -5.44 -1.61 23.27
CA MET B 103 -6.51 -2.26 22.51
C MET B 103 -7.80 -1.41 22.46
N SER B 104 -7.95 -0.45 23.36
CA SER B 104 -9.03 0.52 23.23
C SER B 104 -8.51 1.91 23.49
N ALA B 105 -9.36 2.89 23.26
CA ALA B 105 -9.03 4.27 23.56
C ALA B 105 -8.84 4.43 25.08
N ALA B 106 -9.82 3.98 25.84
CA ALA B 106 -9.73 3.97 27.30
C ALA B 106 -8.43 3.34 27.84
N GLU B 107 -7.92 2.28 27.24
CA GLU B 107 -6.67 1.63 27.68
C GLU B 107 -5.41 2.48 27.38
N ASN B 108 -5.40 3.12 26.22
CA ASN B 108 -4.42 4.14 25.87
C ASN B 108 -4.39 5.33 26.81
N ILE B 109 -5.55 5.90 27.13
CA ILE B 109 -5.70 6.99 28.13
C ILE B 109 -5.14 6.61 29.52
N ALA B 110 -5.44 5.39 29.98
CA ALA B 110 -4.99 4.89 31.27
C ALA B 110 -3.46 4.70 31.32
N MET B 111 -2.87 4.16 30.26
CA MET B 111 -1.41 4.08 30.18
C MET B 111 -0.77 5.47 30.11
N LEU B 112 -1.41 6.39 29.41
CA LEU B 112 -0.85 7.73 29.23
C LEU B 112 -0.90 8.50 30.54
N LYS B 113 -1.93 8.29 31.35
CA LYS B 113 -2.02 8.83 32.71
C LYS B 113 -0.94 8.25 33.59
N LYS B 114 -0.71 6.94 33.51
CA LYS B 114 0.38 6.32 34.27
C LYS B 114 1.75 6.92 33.89
N ILE B 115 1.96 7.24 32.62
CA ILE B 115 3.25 7.83 32.18
C ILE B 115 3.43 9.30 32.68
N GLN B 116 2.34 10.07 32.59
CA GLN B 116 2.30 11.43 33.08
C GLN B 116 2.67 11.51 34.59
N GLU B 117 1.96 10.70 35.41
CA GLU B 117 2.15 10.64 36.88
C GLU B 117 3.50 10.05 37.34
N SER B 118 4.12 9.22 36.51
CA SER B 118 5.44 8.69 36.80
C SER B 118 6.54 9.76 36.56
N ASP B 119 7.79 9.41 36.85
CA ASP B 119 8.93 10.32 36.66
C ASP B 119 9.54 10.20 35.26
N PHE B 120 8.92 9.42 34.36
CA PHE B 120 9.44 9.20 33.02
C PHE B 120 9.74 10.56 32.33
N SER B 121 10.99 10.71 31.88
CA SER B 121 11.49 11.93 31.27
C SER B 121 11.86 11.74 29.76
N GLY B 122 11.54 10.56 29.24
CA GLY B 122 11.78 10.24 27.84
C GLY B 122 10.59 10.47 26.96
N ILE B 123 10.61 9.75 25.83
CA ILE B 123 9.64 10.04 24.75
C ILE B 123 8.56 8.98 24.62
N THR B 124 7.31 9.37 24.52
CA THR B 124 6.24 8.41 24.28
C THR B 124 5.72 8.37 22.85
N GLU B 125 5.40 7.16 22.35
CA GLU B 125 4.82 6.95 20.99
C GLU B 125 3.53 6.19 21.15
N LEU B 126 2.43 6.90 20.89
CA LEU B 126 1.12 6.34 20.79
C LEU B 126 0.91 5.70 19.42
N ASN B 127 0.74 4.39 19.41
CA ASN B 127 0.60 3.62 18.20
C ASN B 127 -0.87 3.50 17.81
N LEU B 128 -1.23 4.18 16.75
CA LEU B 128 -2.61 4.31 16.35
C LEU B 128 -2.90 3.49 15.12
N SER B 129 -2.12 2.44 14.95
CA SER B 129 -1.97 1.90 13.62
C SER B 129 -1.64 0.44 13.57
N CYS B 130 -1.81 -0.28 14.71
CA CYS B 130 -1.54 -1.72 14.76
C CYS B 130 -2.55 -2.45 13.89
N PRO B 131 -2.06 -3.12 12.82
CA PRO B 131 -2.95 -3.78 11.83
C PRO B 131 -3.18 -5.28 12.06
N ASN B 132 -2.52 -5.85 13.06
CA ASN B 132 -2.44 -7.30 13.24
C ASN B 132 -3.27 -7.85 14.41
N VAL B 133 -4.09 -6.99 15.03
CA VAL B 133 -5.01 -7.47 16.08
C VAL B 133 -6.40 -7.76 15.50
N PRO B 134 -6.87 -9.02 15.64
CA PRO B 134 -8.19 -9.41 15.07
C PRO B 134 -9.39 -8.67 15.71
N GLY B 135 -10.18 -7.99 14.88
CA GLY B 135 -11.39 -7.31 15.33
C GLY B 135 -11.17 -5.86 15.73
N LYS B 136 -9.90 -5.42 15.77
CA LYS B 136 -9.49 -4.02 16.09
C LYS B 136 -8.86 -3.30 14.83
N PRO B 137 -9.68 -2.53 14.06
CA PRO B 137 -9.14 -1.73 12.95
C PRO B 137 -8.11 -0.67 13.38
N GLN B 138 -7.17 -0.40 12.46
CA GLN B 138 -6.28 0.75 12.49
C GLN B 138 -7.12 2.01 12.73
N LEU B 139 -6.91 2.63 13.90
CA LEU B 139 -7.70 3.79 14.37
C LEU B 139 -7.41 5.12 13.59
N ALA B 140 -6.18 5.21 13.12
CA ALA B 140 -5.71 6.37 12.37
C ALA B 140 -6.22 6.36 10.93
N TYR B 141 -7.06 5.37 10.58
CA TYR B 141 -7.91 5.42 9.38
C TYR B 141 -9.34 5.92 9.68
N ASP B 142 -9.63 6.20 10.96
CA ASP B 142 -10.93 6.72 11.43
C ASP B 142 -10.64 8.11 12.04
N PHE B 143 -10.81 9.12 11.21
CA PHE B 143 -10.38 10.49 11.50
C PHE B 143 -11.14 11.12 12.64
N GLU B 144 -12.41 10.79 12.80
CA GLU B 144 -13.20 11.31 13.93
C GLU B 144 -12.73 10.72 15.25
N ALA B 145 -12.49 9.43 15.28
CA ALA B 145 -12.05 8.77 16.51
C ALA B 145 -10.64 9.18 16.86
N THR B 146 -9.82 9.48 15.85
CA THR B 146 -8.42 9.84 16.10
C THR B 146 -8.36 11.22 16.72
N GLU B 147 -9.12 12.16 16.14
CA GLU B 147 -9.26 13.48 16.70
C GLU B 147 -9.79 13.41 18.13
N LYS B 148 -10.88 12.65 18.36
CA LYS B 148 -11.55 12.60 19.69
C LYS B 148 -10.60 12.10 20.81
N LEU B 149 -9.79 11.09 20.48
CA LEU B 149 -8.78 10.53 21.36
C LEU B 149 -7.70 11.54 21.68
N LEU B 150 -7.20 12.27 20.69
CA LEU B 150 -6.07 13.17 20.89
C LEU B 150 -6.47 14.39 21.69
N LYS B 151 -7.68 14.89 21.48
CA LYS B 151 -8.22 16.01 22.28
C LYS B 151 -8.26 15.59 23.75
N GLU B 152 -8.62 14.33 24.00
CA GLU B 152 -8.68 13.83 25.37
C GLU B 152 -7.27 13.67 25.95
N VAL B 153 -6.34 13.16 25.15
CA VAL B 153 -4.96 12.99 25.58
C VAL B 153 -4.38 14.33 25.98
N PHE B 154 -4.64 15.38 25.21
CA PHE B 154 -3.96 16.69 25.44
C PHE B 154 -4.54 17.60 26.53
N THR B 155 -5.65 17.18 27.15
CA THR B 155 -6.12 17.84 28.37
C THR B 155 -5.22 17.48 29.60
N PHE B 156 -4.40 16.45 29.51
CA PHE B 156 -3.55 16.09 30.66
C PHE B 156 -2.09 15.78 30.31
N PHE B 157 -1.81 15.34 29.09
CA PHE B 157 -0.48 14.76 28.81
C PHE B 157 0.42 15.88 28.31
N THR B 158 1.42 16.25 29.12
CA THR B 158 2.31 17.41 28.83
C THR B 158 3.72 16.97 28.44
N LYS B 159 3.98 15.67 28.51
CA LYS B 159 5.29 15.12 28.19
C LYS B 159 5.38 14.84 26.69
N PRO B 160 6.59 14.58 26.21
CA PRO B 160 6.81 14.50 24.76
C PRO B 160 6.04 13.30 24.16
N LEU B 161 5.21 13.58 23.15
CA LEU B 161 4.35 12.56 22.58
C LEU B 161 4.41 12.56 21.03
N GLY B 162 4.63 11.38 20.42
CA GLY B 162 4.47 11.21 19.00
C GLY B 162 3.43 10.14 18.71
N VAL B 163 3.00 10.04 17.46
CA VAL B 163 2.00 9.07 17.05
C VAL B 163 2.58 8.29 15.89
N LYS B 164 2.40 6.97 15.92
CA LYS B 164 2.88 6.07 14.88
C LYS B 164 1.65 5.81 14.02
N LEU B 165 1.76 6.21 12.74
CA LEU B 165 0.66 6.25 11.80
C LEU B 165 0.79 5.15 10.76
N PRO B 166 -0.34 4.70 10.28
CA PRO B 166 -0.39 3.78 9.16
C PRO B 166 -0.22 4.60 7.89
N PRO B 167 0.12 3.91 6.81
CA PRO B 167 0.31 4.59 5.55
C PRO B 167 -0.99 5.13 4.98
N TYR B 168 -0.94 6.36 4.45
CA TYR B 168 -2.04 6.90 3.64
C TYR B 168 -1.66 6.90 2.15
N PHE B 169 -2.70 6.90 1.31
CA PHE B 169 -2.55 6.67 -0.13
C PHE B 169 -3.32 7.66 -1.02
N ASP B 170 -3.94 8.65 -0.39
CA ASP B 170 -4.79 9.63 -1.05
C ASP B 170 -4.40 11.00 -0.48
N LEU B 171 -4.04 11.97 -1.34
CA LEU B 171 -3.53 13.27 -0.88
C LEU B 171 -4.47 13.98 0.07
N VAL B 172 -5.78 13.86 -0.15
CA VAL B 172 -6.74 14.44 0.77
C VAL B 172 -6.68 13.83 2.18
N HIS B 173 -6.35 12.54 2.30
CA HIS B 173 -6.19 11.94 3.64
C HIS B 173 -5.04 12.64 4.39
N PHE B 174 -3.96 12.92 3.69
CA PHE B 174 -2.85 13.71 4.24
C PHE B 174 -3.33 15.08 4.76
N ASP B 175 -4.13 15.83 3.99
CA ASP B 175 -4.64 17.16 4.45
C ASP B 175 -5.56 17.06 5.66
N ILE B 176 -6.46 16.07 5.67
CA ILE B 176 -7.39 15.92 6.77
C ILE B 176 -6.64 15.56 8.05
N MET B 177 -5.56 14.78 7.95
CA MET B 177 -4.82 14.32 9.12
C MET B 177 -3.88 15.40 9.63
N ALA B 178 -3.20 16.10 8.72
CA ALA B 178 -2.40 17.27 9.11
C ALA B 178 -3.26 18.37 9.83
N GLU B 179 -4.48 18.63 9.38
CA GLU B 179 -5.33 19.59 10.09
C GLU B 179 -5.69 19.11 11.50
N ILE B 180 -5.87 17.79 11.66
CA ILE B 180 -6.05 17.25 13.00
C ILE B 180 -4.78 17.40 13.84
N LEU B 181 -3.68 16.87 13.37
CA LEU B 181 -2.44 16.85 14.12
C LEU B 181 -1.88 18.25 14.47
N ASN B 182 -2.10 19.23 13.58
CA ASN B 182 -1.55 20.59 13.75
C ASN B 182 -2.26 21.39 14.85
N GLN B 183 -3.44 20.98 15.28
CA GLN B 183 -4.08 21.62 16.43
C GLN B 183 -3.50 21.18 17.82
N PHE B 184 -2.50 20.28 17.86
CA PHE B 184 -1.93 19.78 19.15
C PHE B 184 -0.40 19.99 19.36
N PRO B 185 0.03 20.06 20.63
CA PRO B 185 1.46 20.20 20.93
C PRO B 185 2.21 18.84 20.84
N LEU B 186 1.97 18.16 19.73
CA LEU B 186 2.62 16.92 19.35
C LEU B 186 4.09 17.13 19.08
N THR B 187 4.89 16.20 19.54
CA THR B 187 6.32 16.24 19.32
C THR B 187 6.69 15.63 17.94
N TYR B 188 5.98 14.58 17.51
CA TYR B 188 6.30 13.99 16.23
C TYR B 188 5.23 13.07 15.68
N VAL B 189 5.42 12.78 14.39
CA VAL B 189 4.68 11.79 13.65
C VAL B 189 5.72 10.74 13.22
N ASN B 190 5.36 9.47 13.27
CA ASN B 190 6.18 8.37 12.76
C ASN B 190 5.45 7.66 11.60
N SER B 191 5.90 7.93 10.36
CA SER B 191 5.34 7.35 9.18
C SER B 191 6.44 6.46 8.61
N VAL B 192 6.21 5.15 8.35
CA VAL B 192 4.92 4.50 8.50
C VAL B 192 5.00 3.18 9.26
N ASN B 193 3.86 2.79 9.80
CA ASN B 193 3.61 1.38 10.13
C ASN B 193 3.53 0.52 8.86
N SER B 194 3.42 -0.75 9.05
CA SER B 194 3.25 -1.73 7.97
C SER B 194 2.17 -1.38 6.98
N ILE B 195 2.41 -1.74 5.73
CA ILE B 195 1.32 -1.88 4.79
C ILE B 195 0.39 -2.99 5.28
N GLY B 196 -0.78 -2.57 5.71
CA GLY B 196 -1.73 -3.47 6.32
C GLY B 196 -2.36 -4.48 5.42
N ASN B 197 -2.54 -5.67 6.00
CA ASN B 197 -3.36 -6.76 5.43
C ASN B 197 -3.10 -7.15 4.01
N GLY B 198 -1.82 -7.38 3.72
CA GLY B 198 -1.42 -8.04 2.49
C GLY B 198 -1.30 -9.53 2.72
N LEU B 199 -0.96 -10.24 1.67
CA LEU B 199 -1.02 -11.66 1.69
C LEU B 199 0.19 -12.18 0.97
N PHE B 200 0.81 -13.24 1.50
CA PHE B 200 1.90 -13.93 0.80
C PHE B 200 1.47 -15.34 0.70
N ILE B 201 1.83 -15.96 -0.44
CA ILE B 201 1.44 -17.30 -0.77
C ILE B 201 2.64 -18.14 -1.20
N ASP B 202 2.73 -19.32 -0.64
CA ASP B 202 3.60 -20.41 -1.09
C ASP B 202 2.85 -21.17 -2.21
N PRO B 203 3.37 -21.09 -3.42
CA PRO B 203 2.68 -21.67 -4.59
C PRO B 203 2.78 -23.18 -4.66
N GLU B 204 3.84 -23.75 -4.10
CA GLU B 204 3.93 -25.21 -4.05
C GLU B 204 2.88 -25.78 -3.09
N ALA B 205 2.77 -25.29 -1.87
CA ALA B 205 1.77 -25.85 -0.94
C ALA B 205 0.39 -25.22 -1.17
N GLU B 206 0.33 -24.20 -2.01
CA GLU B 206 -0.94 -23.55 -2.33
C GLU B 206 -1.57 -22.99 -1.06
N SER B 207 -0.74 -22.38 -0.19
CA SER B 207 -1.19 -21.85 1.11
C SER B 207 -0.53 -20.53 1.51
N VAL B 208 -1.23 -19.78 2.35
CA VAL B 208 -0.65 -18.68 3.10
C VAL B 208 0.49 -19.20 3.98
N VAL B 209 1.35 -18.27 4.38
CA VAL B 209 2.54 -18.58 5.14
C VAL B 209 2.45 -18.19 6.62
N ILE B 210 1.38 -17.48 7.03
CA ILE B 210 1.12 -17.26 8.44
C ILE B 210 -0.28 -17.75 8.85
N LYS B 211 -0.38 -18.24 10.09
CA LYS B 211 -1.62 -18.77 10.67
C LYS B 211 -2.72 -17.77 11.08
N PRO B 212 -2.38 -16.65 11.67
CA PRO B 212 -3.42 -15.71 12.04
C PRO B 212 -4.19 -15.18 10.83
N LYS B 213 -5.48 -14.89 10.97
CA LYS B 213 -6.22 -14.06 10.02
C LYS B 213 -6.11 -14.54 8.57
N ASP B 214 -6.06 -15.86 8.43
CA ASP B 214 -6.09 -16.51 7.12
C ASP B 214 -4.92 -16.06 6.22
N GLY B 215 -3.81 -15.64 6.82
CA GLY B 215 -2.57 -15.36 6.09
C GLY B 215 -2.29 -13.88 5.90
N PHE B 216 -3.28 -13.06 6.22
CA PHE B 216 -3.26 -11.64 6.03
C PHE B 216 -2.40 -10.99 7.10
N GLY B 217 -1.37 -10.26 6.67
CA GLY B 217 -0.39 -9.65 7.58
C GLY B 217 0.21 -8.33 7.08
N GLY B 218 0.76 -7.57 8.02
CA GLY B 218 1.44 -6.32 7.75
C GLY B 218 2.66 -6.57 6.89
N ILE B 219 2.82 -5.73 5.87
CA ILE B 219 3.94 -5.89 4.95
C ILE B 219 4.96 -4.80 5.26
N GLY B 220 6.21 -5.23 5.31
CA GLY B 220 7.34 -4.33 5.42
C GLY B 220 8.54 -4.72 4.52
N GLY B 221 9.57 -3.88 4.60
CA GLY B 221 10.74 -3.97 3.71
C GLY B 221 10.65 -3.19 2.39
N ALA B 222 11.36 -3.69 1.40
CA ALA B 222 11.52 -3.01 0.09
C ALA B 222 10.18 -2.73 -0.56
N TYR B 223 9.28 -3.69 -0.47
CA TYR B 223 7.89 -3.54 -0.90
C TYR B 223 7.32 -2.16 -0.59
N ILE B 224 7.65 -1.61 0.59
CA ILE B 224 6.89 -0.46 1.09
C ILE B 224 7.61 0.86 1.04
N LYS B 225 8.83 0.89 0.54
CA LYS B 225 9.58 2.16 0.65
C LYS B 225 8.94 3.29 -0.15
N PRO B 226 8.41 3.08 -1.35
CA PRO B 226 7.73 4.14 -2.07
C PRO B 226 6.57 4.76 -1.26
N THR B 227 5.80 3.92 -0.56
CA THR B 227 4.74 4.37 0.28
C THR B 227 5.27 5.09 1.50
N ALA B 228 6.39 4.63 2.04
CA ALA B 228 6.87 5.20 3.30
C ALA B 228 7.48 6.56 3.00
N LEU B 229 8.33 6.62 1.98
CA LEU B 229 8.83 7.92 1.51
C LEU B 229 7.70 8.90 1.25
N ALA B 230 6.69 8.45 0.55
CA ALA B 230 5.64 9.35 0.12
C ALA B 230 5.01 9.94 1.37
N ASN B 231 4.81 9.11 2.37
CA ASN B 231 4.13 9.54 3.59
C ASN B 231 4.98 10.49 4.40
N VAL B 232 6.26 10.20 4.44
CA VAL B 232 7.20 11.10 5.14
C VAL B 232 7.15 12.47 4.45
N ARG B 233 7.35 12.46 3.11
CA ARG B 233 7.37 13.69 2.37
C ARG B 233 6.03 14.46 2.49
N ALA B 234 4.93 13.73 2.38
CA ALA B 234 3.64 14.36 2.37
C ALA B 234 3.34 15.05 3.71
N PHE B 235 3.69 14.43 4.83
CA PHE B 235 3.48 15.12 6.12
C PHE B 235 4.50 16.23 6.31
N TYR B 236 5.72 16.05 5.81
CA TYR B 236 6.72 17.11 5.89
C TYR B 236 6.26 18.44 5.33
N THR B 237 5.57 18.45 4.19
CA THR B 237 5.17 19.72 3.58
C THR B 237 3.82 20.18 4.09
N ARG B 238 3.22 19.49 5.06
CA ARG B 238 1.90 19.84 5.62
C ARG B 238 1.91 20.11 7.14
N LEU B 239 2.78 19.43 7.86
CA LEU B 239 2.89 19.65 9.28
C LEU B 239 3.66 20.94 9.58
N LYS B 240 3.08 21.73 10.47
CA LYS B 240 3.72 22.83 11.19
C LYS B 240 5.07 22.34 11.74
N PRO B 241 6.12 23.17 11.63
CA PRO B 241 7.47 22.70 11.96
C PRO B 241 7.71 22.23 13.46
N GLU B 242 6.88 22.64 14.41
CA GLU B 242 6.96 22.14 15.80
C GLU B 242 6.91 20.60 15.75
N ILE B 243 6.04 20.04 14.88
CA ILE B 243 5.90 18.59 14.76
C ILE B 243 6.88 18.00 13.79
N GLN B 244 7.92 17.34 14.30
CA GLN B 244 8.92 16.64 13.44
C GLN B 244 8.47 15.21 13.10
N ILE B 245 9.34 14.46 12.42
CA ILE B 245 8.98 13.23 11.75
C ILE B 245 10.03 12.15 11.92
N ILE B 246 9.57 10.94 12.23
CA ILE B 246 10.42 9.81 12.16
C ILE B 246 10.00 9.08 10.89
N GLY B 247 10.99 8.65 10.14
CA GLY B 247 10.78 7.98 8.91
C GLY B 247 11.00 6.51 9.17
N THR B 248 9.99 5.73 8.85
CA THR B 248 10.03 4.28 8.97
C THR B 248 9.43 3.65 7.71
N GLY B 249 10.16 2.71 7.14
CA GLY B 249 9.67 1.87 6.11
C GLY B 249 10.72 1.64 5.04
N GLY B 250 11.16 0.39 4.93
CA GLY B 250 12.02 -0.04 3.84
C GLY B 250 13.46 0.40 3.92
N ILE B 251 13.92 0.75 5.13
CA ILE B 251 15.30 1.20 5.32
C ILE B 251 16.22 0.02 5.58
N GLU B 252 17.19 -0.13 4.69
CA GLU B 252 18.16 -1.21 4.73
C GLU B 252 19.59 -0.72 4.44
N THR B 253 19.74 0.27 3.56
CA THR B 253 21.08 0.74 3.16
C THR B 253 21.16 2.22 3.49
N GLY B 254 22.36 2.74 3.38
CA GLY B 254 22.58 4.20 3.49
C GLY B 254 21.75 5.02 2.53
N GLN B 255 21.56 4.48 1.35
CA GLN B 255 20.80 5.17 0.29
C GLN B 255 19.34 5.30 0.72
N ASP B 256 18.77 4.23 1.29
CA ASP B 256 17.39 4.28 1.79
C ASP B 256 17.30 5.34 2.87
N ALA B 257 18.29 5.34 3.79
CA ALA B 257 18.30 6.33 4.87
C ALA B 257 18.40 7.75 4.30
N PHE B 258 19.28 7.91 3.33
CA PHE B 258 19.43 9.21 2.65
C PHE B 258 18.08 9.73 2.08
N GLU B 259 17.37 8.85 1.37
CA GLU B 259 16.10 9.22 0.78
C GLU B 259 15.09 9.73 1.81
N HIS B 260 14.94 9.01 2.94
CA HIS B 260 14.03 9.44 4.04
C HIS B 260 14.40 10.80 4.60
N LEU B 261 15.70 11.03 4.82
CA LEU B 261 16.14 12.34 5.35
C LEU B 261 15.88 13.44 4.30
N LEU B 262 16.10 13.13 3.03
CA LEU B 262 15.82 14.11 1.97
C LEU B 262 14.35 14.48 1.94
N CYS B 263 13.45 13.54 2.28
CA CYS B 263 12.02 13.83 2.32
C CYS B 263 11.68 14.71 3.49
N GLY B 264 12.51 14.67 4.53
CA GLY B 264 12.29 15.48 5.73
C GLY B 264 12.13 14.70 7.04
N ALA B 265 12.56 13.45 7.07
CA ALA B 265 12.56 12.65 8.31
C ALA B 265 13.73 13.12 9.11
N THR B 266 13.59 13.15 10.44
CA THR B 266 14.69 13.53 11.36
C THR B 266 15.33 12.31 12.06
N MET B 267 14.50 11.45 12.67
CA MET B 267 14.98 10.14 13.08
C MET B 267 14.47 9.16 12.04
N LEU B 268 15.03 7.98 12.09
CA LEU B 268 14.83 6.90 11.15
C LEU B 268 14.67 5.60 11.93
N GLN B 269 13.62 4.81 11.65
CA GLN B 269 13.47 3.47 12.29
C GLN B 269 13.61 2.30 11.30
N ILE B 270 14.27 1.25 11.76
CA ILE B 270 14.58 0.08 10.94
C ILE B 270 13.91 -1.13 11.55
N GLY B 271 13.03 -1.77 10.80
CA GLY B 271 12.27 -2.91 11.29
C GLY B 271 12.78 -4.18 10.66
N THR B 272 12.17 -4.57 9.54
CA THR B 272 12.50 -5.76 8.80
C THR B 272 13.96 -6.02 8.66
N ALA B 273 14.72 -5.03 8.18
CA ALA B 273 16.17 -5.27 7.99
C ALA B 273 16.94 -5.52 9.33
N LEU B 274 16.50 -4.91 10.42
CA LEU B 274 17.09 -5.22 11.74
C LEU B 274 16.71 -6.62 12.20
N HIS B 275 15.45 -7.04 11.99
CA HIS B 275 15.04 -8.41 12.29
C HIS B 275 15.96 -9.46 11.63
N LYS B 276 16.34 -9.19 10.37
CA LYS B 276 17.10 -10.11 9.57
C LYS B 276 18.56 -10.15 9.97
N GLU B 277 19.11 -8.97 10.27
CA GLU B 277 20.56 -8.80 10.41
C GLU B 277 21.07 -8.71 11.86
N GLY B 278 20.20 -8.24 12.73
CA GLY B 278 20.55 -8.03 14.11
C GLY B 278 21.12 -6.65 14.30
N PRO B 279 21.45 -6.30 15.53
CA PRO B 279 21.93 -4.93 15.86
C PRO B 279 23.20 -4.45 15.17
N ALA B 280 24.02 -5.35 14.61
CA ALA B 280 25.20 -4.99 13.81
C ALA B 280 24.80 -4.10 12.61
N ILE B 281 23.51 -4.07 12.25
CA ILE B 281 23.04 -3.26 11.13
C ILE B 281 23.38 -1.80 11.33
N PHE B 282 23.36 -1.34 12.58
CA PHE B 282 23.39 0.10 12.78
C PHE B 282 24.77 0.60 12.38
N ASP B 283 25.78 -0.17 12.75
CA ASP B 283 27.17 0.16 12.38
C ASP B 283 27.29 0.21 10.88
N ARG B 284 26.69 -0.78 10.20
CA ARG B 284 26.84 -0.94 8.75
C ARG B 284 26.21 0.27 8.04
N ILE B 285 24.99 0.60 8.43
CA ILE B 285 24.19 1.60 7.72
C ILE B 285 24.61 3.02 8.05
N ILE B 286 25.07 3.25 9.27
CA ILE B 286 25.78 4.50 9.61
C ILE B 286 26.96 4.78 8.66
N LYS B 287 27.83 3.80 8.47
CA LYS B 287 28.96 3.90 7.53
C LYS B 287 28.55 4.09 6.07
N GLU B 288 27.46 3.44 5.64
CA GLU B 288 26.93 3.70 4.30
C GLU B 288 26.43 5.14 4.16
N LEU B 289 25.75 5.66 5.15
CA LEU B 289 25.23 7.00 5.02
C LEU B 289 26.42 7.96 4.96
N GLU B 290 27.39 7.74 5.86
CA GLU B 290 28.57 8.56 5.92
C GLU B 290 29.35 8.60 4.59
N GLU B 291 29.47 7.47 3.91
CA GLU B 291 30.21 7.43 2.64
C GLU B 291 29.44 8.15 1.53
N ILE B 292 28.10 8.15 1.63
CA ILE B 292 27.26 8.86 0.66
C ILE B 292 27.47 10.34 0.90
N MET B 293 27.49 10.73 2.17
CA MET B 293 27.70 12.15 2.53
C MET B 293 29.09 12.62 2.11
N ASN B 294 30.13 11.79 2.28
CA ASN B 294 31.47 12.20 1.90
C ASN B 294 31.61 12.33 0.38
N GLN B 295 31.02 11.40 -0.38
CA GLN B 295 31.03 11.50 -1.88
C GLN B 295 30.45 12.84 -2.32
N LYS B 296 29.38 13.27 -1.66
CA LYS B 296 28.69 14.50 -1.99
C LYS B 296 29.26 15.75 -1.33
N GLY B 297 30.29 15.58 -0.46
CA GLY B 297 30.91 16.68 0.27
C GLY B 297 29.97 17.28 1.31
N TYR B 298 29.16 16.41 1.93
CA TYR B 298 28.25 16.83 2.99
C TYR B 298 28.90 16.45 4.35
N GLN B 299 28.82 17.33 5.32
CA GLN B 299 29.47 17.11 6.61
C GLN B 299 28.43 16.94 7.71
N SER B 300 27.20 17.29 7.40
CA SER B 300 26.12 17.30 8.34
C SER B 300 24.75 17.02 7.61
N ILE B 301 23.75 16.54 8.37
CA ILE B 301 22.44 16.17 7.84
C ILE B 301 21.65 17.42 7.44
N ALA B 302 21.96 18.58 8.00
CA ALA B 302 21.24 19.82 7.56
C ALA B 302 21.58 20.30 6.14
N ASP B 303 22.63 19.74 5.52
CA ASP B 303 23.01 20.05 4.12
C ASP B 303 21.94 19.55 3.11
N PHE B 304 21.22 18.48 3.45
CA PHE B 304 20.18 17.94 2.59
C PHE B 304 18.87 17.55 3.29
N HIS B 305 18.74 17.74 4.60
CA HIS B 305 17.52 17.41 5.34
C HIS B 305 16.40 18.14 4.59
N GLY B 306 15.40 17.40 4.11
CA GLY B 306 14.20 18.01 3.55
C GLY B 306 14.33 18.63 2.18
N LYS B 307 15.45 18.38 1.52
CA LYS B 307 15.79 19.09 0.26
C LYS B 307 15.54 18.29 -1.03
N LEU B 308 14.62 17.31 -0.96
CA LEU B 308 14.12 16.60 -2.17
C LEU B 308 13.66 17.58 -3.26
N LYS B 309 14.27 17.44 -4.42
CA LYS B 309 13.93 18.30 -5.58
C LYS B 309 12.74 17.74 -6.37
N SER B 310 11.72 18.57 -6.57
CA SER B 310 10.74 18.34 -7.62
C SER B 310 11.39 18.59 -9.02
N LEU B 311 10.78 18.05 -10.08
CA LEU B 311 11.17 18.38 -11.47
C LEU B 311 10.34 19.58 -11.98
N1 FMN C . -5.93 1.54 -14.62
C2 FMN C . -7.17 1.99 -15.05
O2 FMN C . -8.21 1.51 -14.59
N3 FMN C . -7.26 3.02 -15.98
C4 FMN C . -6.10 3.58 -16.56
O4 FMN C . -6.18 3.99 -17.75
C4A FMN C . -4.86 3.13 -16.11
N5 FMN C . -3.73 3.69 -16.68
C5A FMN C . -2.50 3.25 -16.31
C6 FMN C . -1.39 3.80 -16.88
C7 FMN C . -0.15 3.31 -16.48
C7M FMN C . 1.02 3.52 -17.41
C8 FMN C . 0.00 2.29 -15.52
C8M FMN C . 1.22 1.38 -15.53
C9 FMN C . -1.13 1.77 -14.96
C9A FMN C . -2.38 2.22 -15.33
N10 FMN C . -3.52 1.67 -14.76
C10 FMN C . -4.76 2.12 -15.16
C1' FMN C . -3.40 0.79 -13.53
C2' FMN C . -3.29 -0.62 -14.04
O2' FMN C . -4.52 -0.91 -14.71
C3' FMN C . -3.07 -1.63 -12.91
O3' FMN C . -4.21 -1.59 -12.06
C4' FMN C . -1.78 -1.37 -12.14
O4' FMN C . -0.74 -1.05 -13.04
C5' FMN C . -1.34 -2.54 -11.32
O5' FMN C . -1.06 -3.61 -12.17
P FMN C . 0.45 -4.03 -12.43
O1P FMN C . 1.16 -2.81 -13.07
O2P FMN C . 1.08 -4.35 -11.12
O3P FMN C . 0.59 -5.29 -13.28
C ACT D . -5.26 5.07 -13.40
O ACT D . -4.34 4.54 -12.70
OXT ACT D . -6.47 4.71 -13.22
CH3 ACT D . -4.95 6.12 -14.43
MG MG E . -5.59 -13.07 -30.07
C1 GOL F . -6.26 3.84 2.96
O1 GOL F . -6.04 5.02 3.70
C2 GOL F . -7.63 3.27 3.29
O2 GOL F . -8.64 4.28 3.12
C3 GOL F . -7.91 2.00 2.43
O3 GOL F . -8.16 0.83 3.22
N1 FMN G . 5.14 -1.06 14.95
C2 FMN G . 4.63 -0.47 16.06
O2 FMN G . 4.38 0.75 16.07
N3 FMN G . 4.37 -1.26 17.16
C4 FMN G . 4.65 -2.59 17.16
O4 FMN G . 4.88 -3.12 18.23
C4A FMN G . 5.17 -3.17 16.01
N5 FMN G . 5.49 -4.52 15.98
C5A FMN G . 6.02 -5.06 14.86
C6 FMN G . 6.32 -6.38 14.79
C7 FMN G . 6.94 -6.89 13.63
C7M FMN G . 7.81 -8.11 13.80
C8 FMN G . 7.20 -6.06 12.54
C8M FMN G . 8.23 -6.37 11.49
C9 FMN G . 6.85 -4.75 12.59
C9A FMN G . 6.28 -4.24 13.74
N10 FMN G . 5.93 -2.93 13.78
C10 FMN G . 5.38 -2.39 14.91
C1' FMN G . 5.98 -2.14 12.50
C2' FMN G . 7.37 -1.54 12.36
O2' FMN G . 7.53 -0.70 13.51
C3' FMN G . 7.48 -0.75 11.05
O3' FMN G . 6.52 0.29 11.00
C4' FMN G . 7.39 -1.60 9.80
O4' FMN G . 8.11 -2.79 10.02
C5' FMN G . 7.95 -0.78 8.63
O5' FMN G . 9.35 -0.71 8.73
P FMN G . 10.29 -1.79 7.93
O1P FMN G . 10.00 -3.21 8.41
O2P FMN G . 9.99 -1.65 6.47
O3P FMN G . 11.72 -1.37 8.13
C1 DHB H . 2.18 -5.25 16.01
C2 DHB H . 2.44 -4.88 14.70
C3 DHB H . 2.30 -3.54 14.32
O3 DHB H . 2.55 -3.25 13.06
C4 DHB H . 1.89 -2.58 15.28
O4 DHB H . 1.74 -1.27 15.01
C5 DHB H . 1.63 -2.96 16.58
C6 DHB H . 1.78 -4.29 16.93
C DHB H . 2.28 -6.68 16.44
O1 DHB H . 2.77 -6.93 17.57
O2 DHB H . 1.82 -7.57 15.68
MG MG I . 24.68 2.69 22.04
#